data_8S5E
#
_entry.id   8S5E
#
_cell.length_a   1.00
_cell.length_b   1.00
_cell.length_c   1.00
_cell.angle_alpha   90.00
_cell.angle_beta   90.00
_cell.angle_gamma   90.00
#
_symmetry.space_group_name_H-M   'P 1'
#
loop_
_entity.id
_entity.type
_entity.pdbx_description
1 polymer 'ADP-ribosylation factor 1'
2 non-polymer 'MAGNESIUM ION'
3 non-polymer "5'-GUANOSINE-DIPHOSPHATE-MONOTHIOPHOSPHATE"
4 water water
#
_entity_poly.entity_id   1
_entity_poly.type   'polypeptide(L)'
_entity_poly.pdbx_seq_one_letter_code
;MGLFASKLFSNLFGNKEMRILMVGLDGAGKTTVLYKLKLGEVITTIPTIGFNVETVQYKNISFTVWDVGGQDRIRSLWRH
YYRNTEGVIFVVDSNDRSRIGEAREVMQRMLNEDELRNAAWLVFANKQDLPEAMSAAEITEKLGLHSIRNRPWFIQATCA
TSGEGLYEGLEWLSNSLKNST
;
_entity_poly.pdbx_strand_id   A,B,C,D,E,F,G
#
# COMPACT_ATOMS: atom_id res chain seq x y z
N LYS A 16 -13.87 1.18 11.31
CA LYS A 16 -14.27 -0.16 11.69
C LYS A 16 -13.66 -1.17 10.73
N GLU A 17 -13.53 -0.78 9.46
CA GLU A 17 -12.92 -1.63 8.46
C GLU A 17 -12.28 -0.76 7.40
N MET A 18 -11.33 -1.34 6.67
CA MET A 18 -10.62 -0.63 5.62
C MET A 18 -9.83 -1.65 4.82
N ARG A 19 -9.77 -1.44 3.51
CA ARG A 19 -9.04 -2.31 2.61
C ARG A 19 -7.86 -1.58 2.00
N ILE A 20 -6.73 -2.26 1.94
CA ILE A 20 -5.45 -1.67 1.56
C ILE A 20 -4.80 -2.58 0.54
N LEU A 21 -4.00 -1.98 -0.33
CA LEU A 21 -3.24 -2.71 -1.33
C LEU A 21 -1.80 -2.22 -1.27
N MET A 22 -0.90 -3.08 -0.82
CA MET A 22 0.52 -2.76 -0.77
C MET A 22 1.16 -3.24 -2.05
N VAL A 23 1.86 -2.33 -2.73
CA VAL A 23 2.45 -2.61 -4.03
C VAL A 23 3.78 -1.87 -4.13
N GLY A 24 4.48 -2.14 -5.20
CA GLY A 24 5.81 -1.61 -5.40
C GLY A 24 6.60 -2.53 -6.29
N LEU A 25 7.86 -2.16 -6.45
CA LEU A 25 8.78 -2.96 -7.25
C LEU A 25 9.30 -4.12 -6.39
N ASP A 26 10.09 -4.99 -7.00
CA ASP A 26 10.71 -6.10 -6.29
C ASP A 26 11.85 -5.60 -5.41
N GLY A 27 11.94 -6.17 -4.22
CA GLY A 27 12.98 -5.80 -3.29
C GLY A 27 12.65 -4.64 -2.38
N ALA A 28 11.46 -4.07 -2.51
CA ALA A 28 11.08 -2.86 -1.80
C ALA A 28 10.95 -3.07 -0.30
N GLY A 29 10.20 -4.07 0.15
CA GLY A 29 9.93 -4.24 1.57
C GLY A 29 8.48 -4.45 1.91
N LYS A 30 7.66 -4.88 0.96
CA LYS A 30 6.23 -4.99 1.20
C LYS A 30 5.92 -6.08 2.21
N THR A 31 6.39 -7.30 1.97
CA THR A 31 6.14 -8.42 2.86
C THR A 31 6.70 -8.16 4.24
N THR A 32 7.91 -7.61 4.30
CA THR A 32 8.52 -7.27 5.58
C THR A 32 7.70 -6.27 6.35
N VAL A 33 7.21 -5.22 5.68
CA VAL A 33 6.34 -4.25 6.34
C VAL A 33 5.08 -4.93 6.87
N LEU A 34 4.47 -5.79 6.06
CA LEU A 34 3.21 -6.40 6.44
C LEU A 34 3.39 -7.27 7.68
N TYR A 35 4.42 -8.11 7.69
CA TYR A 35 4.63 -9.01 8.80
C TYR A 35 5.45 -8.38 9.92
N LYS A 36 5.82 -7.11 9.79
CA LYS A 36 6.23 -6.31 10.94
C LYS A 36 5.05 -5.65 11.62
N LEU A 37 4.04 -5.27 10.85
CA LEU A 37 2.79 -4.78 11.43
C LEU A 37 1.97 -5.87 12.07
N LYS A 38 1.88 -7.04 11.46
CA LYS A 38 1.03 -8.13 11.92
C LYS A 38 1.63 -8.92 13.08
N LEU A 39 2.90 -9.28 13.00
CA LEU A 39 3.55 -10.10 14.02
C LEU A 39 4.42 -9.30 14.98
N GLY A 40 5.09 -8.27 14.49
CA GLY A 40 6.03 -7.51 15.28
C GLY A 40 7.46 -7.95 15.13
N GLU A 41 7.73 -8.99 14.35
CA GLU A 41 9.07 -9.51 14.15
C GLU A 41 9.44 -9.46 12.68
N VAL A 42 10.74 -9.40 12.43
CA VAL A 42 11.29 -9.40 11.08
C VAL A 42 11.49 -10.83 10.61
N ILE A 43 10.67 -11.26 9.66
CA ILE A 43 10.73 -12.62 9.16
C ILE A 43 11.69 -12.68 7.98
N THR A 44 12.23 -13.86 7.76
CA THR A 44 12.93 -14.16 6.51
C THR A 44 11.89 -14.24 5.41
N THR A 45 12.31 -13.95 4.18
CA THR A 45 11.38 -13.74 3.10
C THR A 45 11.77 -14.53 1.87
N ILE A 46 10.76 -14.87 1.09
CA ILE A 46 10.93 -15.47 -0.22
C ILE A 46 10.22 -14.57 -1.22
N PRO A 47 10.63 -14.56 -2.47
CA PRO A 47 9.91 -13.76 -3.46
C PRO A 47 8.43 -14.10 -3.50
N THR A 48 7.60 -13.06 -3.60
CA THR A 48 6.16 -13.22 -3.55
C THR A 48 5.63 -13.46 -4.95
N ILE A 49 5.34 -14.73 -5.25
CA ILE A 49 4.82 -15.14 -6.55
C ILE A 49 3.32 -14.94 -6.56
N GLY A 50 2.67 -15.28 -5.46
CA GLY A 50 1.24 -15.15 -5.37
C GLY A 50 0.80 -13.87 -4.69
N PHE A 51 0.24 -14.03 -3.50
CA PHE A 51 -0.19 -12.89 -2.71
C PHE A 51 -0.33 -13.31 -1.26
N ASN A 52 -0.13 -12.34 -0.37
CA ASN A 52 -0.38 -12.51 1.05
C ASN A 52 -1.46 -11.54 1.48
N VAL A 53 -2.27 -11.94 2.45
CA VAL A 53 -3.36 -11.11 2.93
C VAL A 53 -3.41 -11.24 4.44
N GLU A 54 -3.47 -10.11 5.14
CA GLU A 54 -3.45 -10.12 6.59
C GLU A 54 -4.21 -8.95 7.14
N THR A 55 -4.94 -9.18 8.23
CA THR A 55 -5.69 -8.17 8.92
C THR A 55 -4.91 -7.71 10.16
N VAL A 56 -4.79 -6.40 10.33
CA VAL A 56 -4.09 -5.79 11.45
C VAL A 56 -5.00 -4.75 12.08
N GLN A 57 -5.09 -4.74 13.40
CA GLN A 57 -6.00 -3.84 14.12
C GLN A 57 -5.18 -2.68 14.68
N TYR A 58 -5.73 -1.49 14.71
CA TYR A 58 -5.08 -0.27 15.15
C TYR A 58 -6.12 0.85 15.21
N LYS A 59 -6.19 1.54 16.35
CA LYS A 59 -7.11 2.65 16.55
C LYS A 59 -8.56 2.23 16.34
N ASN A 60 -8.92 1.03 16.77
CA ASN A 60 -10.26 0.47 16.58
C ASN A 60 -10.60 0.30 15.11
N ILE A 61 -9.61 0.13 14.26
CA ILE A 61 -9.81 -0.07 12.83
C ILE A 61 -9.08 -1.34 12.42
N SER A 62 -9.68 -2.10 11.53
CA SER A 62 -9.14 -3.38 11.09
C SER A 62 -8.76 -3.27 9.63
N PHE A 63 -7.49 -2.95 9.37
CA PHE A 63 -6.98 -2.85 8.02
C PHE A 63 -6.76 -4.25 7.47
N THR A 64 -7.19 -4.49 6.24
CA THR A 64 -7.00 -5.76 5.56
C THR A 64 -6.03 -5.52 4.40
N VAL A 65 -4.77 -5.87 4.61
CA VAL A 65 -3.71 -5.54 3.68
C VAL A 65 -3.47 -6.71 2.75
N TRP A 66 -3.30 -6.41 1.47
CA TRP A 66 -2.99 -7.38 0.42
C TRP A 66 -1.62 -7.04 -0.15
N ASP A 67 -0.61 -7.82 0.21
CA ASP A 67 0.72 -7.70 -0.35
C ASP A 67 0.83 -8.61 -1.56
N VAL A 68 1.43 -8.10 -2.63
CA VAL A 68 1.47 -8.75 -3.93
C VAL A 68 2.90 -8.73 -4.45
N GLY A 69 3.12 -9.43 -5.55
CA GLY A 69 4.43 -9.51 -6.13
C GLY A 69 4.79 -8.29 -6.94
N GLY A 70 6.09 -8.06 -7.07
CA GLY A 70 6.60 -6.94 -7.83
C GLY A 70 7.41 -7.35 -9.03
N GLN A 71 7.67 -8.66 -9.16
CA GLN A 71 8.34 -9.15 -10.35
C GLN A 71 7.59 -8.69 -11.59
N ASP A 72 8.31 -8.52 -12.69
CA ASP A 72 7.72 -7.98 -13.90
C ASP A 72 6.54 -8.83 -14.36
N ARG A 73 6.55 -10.13 -14.06
CA ARG A 73 5.49 -11.02 -14.50
C ARG A 73 4.23 -10.91 -13.67
N ILE A 74 4.32 -10.45 -12.44
CA ILE A 74 3.16 -10.30 -11.58
C ILE A 74 2.62 -8.88 -11.57
N ARG A 75 3.41 -7.89 -11.98
CA ARG A 75 2.92 -6.53 -12.07
C ARG A 75 1.72 -6.40 -13.00
N SER A 76 1.49 -7.38 -13.87
CA SER A 76 0.34 -7.38 -14.76
C SER A 76 -0.88 -8.05 -14.16
N LEU A 77 -0.78 -8.60 -12.96
CA LEU A 77 -1.89 -9.23 -12.27
C LEU A 77 -2.42 -8.39 -11.14
N TRP A 78 -1.85 -7.20 -10.92
CA TRP A 78 -2.35 -6.34 -9.85
C TRP A 78 -3.77 -5.88 -10.10
N ARG A 79 -4.20 -5.85 -11.36
CA ARG A 79 -5.51 -5.32 -11.70
C ARG A 79 -6.63 -6.11 -11.02
N HIS A 80 -6.42 -7.39 -10.77
CA HIS A 80 -7.44 -8.20 -10.10
C HIS A 80 -7.77 -7.66 -8.72
N TYR A 81 -6.91 -6.84 -8.14
CA TYR A 81 -7.08 -6.37 -6.77
C TYR A 81 -7.49 -4.91 -6.66
N TYR A 82 -7.44 -4.15 -7.76
CA TYR A 82 -7.77 -2.73 -7.69
C TYR A 82 -9.18 -2.50 -7.17
N ARG A 83 -10.10 -3.43 -7.45
CA ARG A 83 -11.50 -3.21 -7.13
C ARG A 83 -11.74 -3.19 -5.64
N ASN A 84 -12.60 -2.27 -5.19
CA ASN A 84 -13.00 -2.16 -3.80
C ASN A 84 -11.81 -1.87 -2.89
N THR A 85 -10.78 -1.24 -3.43
CA THR A 85 -9.59 -0.89 -2.67
C THR A 85 -9.70 0.55 -2.21
N GLU A 86 -9.61 0.75 -0.90
CA GLU A 86 -9.80 2.06 -0.30
C GLU A 86 -8.50 2.80 -0.05
N GLY A 87 -7.39 2.08 0.06
CA GLY A 87 -6.10 2.72 0.19
C GLY A 87 -5.02 1.92 -0.53
N VAL A 88 -3.97 2.63 -0.91
CA VAL A 88 -2.83 2.03 -1.56
C VAL A 88 -1.56 2.47 -0.86
N ILE A 89 -0.61 1.55 -0.73
CA ILE A 89 0.66 1.78 -0.09
C ILE A 89 1.73 1.39 -1.09
N PHE A 90 2.39 2.39 -1.66
CA PHE A 90 3.46 2.18 -2.62
C PHE A 90 4.78 2.20 -1.86
N VAL A 91 5.46 1.07 -1.82
CA VAL A 91 6.74 0.96 -1.14
C VAL A 91 7.85 1.13 -2.17
N VAL A 92 8.81 2.00 -1.87
CA VAL A 92 9.94 2.25 -2.75
C VAL A 92 11.22 2.09 -1.96
N ASP A 93 12.15 1.35 -2.54
CA ASP A 93 13.49 1.20 -1.98
C ASP A 93 14.27 2.47 -2.25
N SER A 94 14.75 3.10 -1.19
CA SER A 94 15.49 4.36 -1.33
C SER A 94 16.92 4.11 -1.78
N ASN A 95 17.53 3.03 -1.29
CA ASN A 95 18.89 2.71 -1.71
C ASN A 95 18.95 2.44 -3.21
N ASP A 96 17.89 1.87 -3.78
CA ASP A 96 17.85 1.59 -5.21
C ASP A 96 17.56 2.88 -5.96
N ARG A 97 18.61 3.64 -6.26
CA ARG A 97 18.45 4.92 -6.94
C ARG A 97 18.47 4.77 -8.45
N SER A 98 18.68 3.55 -8.94
CA SER A 98 18.70 3.26 -10.37
C SER A 98 17.35 2.83 -10.92
N ARG A 99 16.39 2.48 -10.06
CA ARG A 99 15.08 2.02 -10.49
C ARG A 99 13.98 2.99 -10.06
N ILE A 100 14.36 4.19 -9.62
CA ILE A 100 13.37 5.19 -9.23
C ILE A 100 12.56 5.70 -10.41
N GLY A 101 13.03 5.49 -11.64
CA GLY A 101 12.28 5.87 -12.82
C GLY A 101 11.24 4.84 -13.19
N GLU A 102 11.59 3.57 -13.02
CA GLU A 102 10.64 2.48 -13.24
C GLU A 102 9.47 2.55 -12.29
N ALA A 103 9.72 2.84 -11.01
CA ALA A 103 8.66 3.05 -10.04
C ALA A 103 7.78 4.23 -10.40
N ARG A 104 8.38 5.31 -10.91
CA ARG A 104 7.59 6.44 -11.38
C ARG A 104 6.66 6.04 -12.52
N GLU A 105 7.16 5.26 -13.47
CA GLU A 105 6.32 4.76 -14.55
C GLU A 105 5.16 3.94 -13.99
N VAL A 106 5.45 3.01 -13.10
CA VAL A 106 4.42 2.13 -12.57
C VAL A 106 3.37 2.94 -11.83
N MET A 107 3.79 3.93 -11.05
CA MET A 107 2.87 4.68 -10.23
C MET A 107 2.02 5.63 -11.08
N GLN A 108 2.63 6.24 -12.10
CA GLN A 108 1.85 7.10 -12.97
C GLN A 108 0.88 6.30 -13.83
N ARG A 109 1.22 5.04 -14.12
CA ARG A 109 0.27 4.19 -14.81
C ARG A 109 -0.89 3.80 -13.91
N MET A 110 -0.60 3.48 -12.65
CA MET A 110 -1.64 2.98 -11.76
C MET A 110 -2.47 4.10 -11.15
N LEU A 111 -2.00 5.34 -11.23
CA LEU A 111 -2.82 6.49 -10.85
C LEU A 111 -3.87 6.85 -11.90
N ASN A 112 -3.73 6.36 -13.13
CA ASN A 112 -4.66 6.68 -14.20
C ASN A 112 -5.77 5.66 -14.32
N GLU A 113 -5.72 4.57 -13.56
CA GLU A 113 -6.76 3.57 -13.57
C GLU A 113 -7.99 4.10 -12.85
N ASP A 114 -9.16 3.75 -13.39
CA ASP A 114 -10.43 4.27 -12.89
C ASP A 114 -10.98 3.49 -11.71
N GLU A 115 -10.49 2.27 -11.46
CA GLU A 115 -10.92 1.52 -10.29
C GLU A 115 -10.30 2.08 -9.02
N LEU A 116 -9.14 2.72 -9.14
CA LEU A 116 -8.46 3.32 -7.98
C LEU A 116 -8.70 4.83 -7.93
N ARG A 117 -9.87 5.24 -8.42
CA ARG A 117 -10.17 6.65 -8.61
C ARG A 117 -10.27 7.43 -7.32
N ASN A 118 -10.75 6.82 -6.25
CA ASN A 118 -10.92 7.49 -4.96
C ASN A 118 -9.89 7.03 -3.93
N ALA A 119 -9.05 6.06 -4.29
CA ALA A 119 -8.11 5.50 -3.34
C ALA A 119 -7.17 6.56 -2.80
N ALA A 120 -6.87 6.45 -1.51
CA ALA A 120 -5.87 7.26 -0.84
C ALA A 120 -4.50 6.69 -1.17
N TRP A 121 -3.52 7.58 -1.28
CA TRP A 121 -2.17 7.22 -1.68
C TRP A 121 -1.23 7.45 -0.52
N LEU A 122 -0.50 6.41 -0.15
CA LEU A 122 0.56 6.51 0.83
C LEU A 122 1.83 5.91 0.23
N VAL A 123 2.96 6.50 0.55
CA VAL A 123 4.23 6.10 -0.02
C VAL A 123 5.20 5.82 1.12
N PHE A 124 5.64 4.58 1.21
CA PHE A 124 6.65 4.18 2.18
C PHE A 124 8.00 4.20 1.48
N ALA A 125 8.78 5.22 1.78
CA ALA A 125 10.17 5.30 1.34
C ALA A 125 11.01 4.47 2.30
N ASN A 126 11.19 3.20 1.99
CA ASN A 126 11.76 2.26 2.93
C ASN A 126 13.28 2.19 2.77
N LYS A 127 13.91 1.48 3.69
CA LYS A 127 15.35 1.30 3.72
C LYS A 127 16.07 2.62 3.97
N GLN A 128 15.56 3.39 4.94
CA GLN A 128 16.22 4.60 5.38
C GLN A 128 17.38 4.33 6.33
N ASP A 129 17.48 3.12 6.88
CA ASP A 129 18.60 2.79 7.74
C ASP A 129 19.90 2.67 6.98
N LEU A 130 19.85 2.52 5.67
CA LEU A 130 21.05 2.37 4.87
C LEU A 130 21.72 3.73 4.67
N PRO A 131 23.05 3.79 4.64
CA PRO A 131 23.72 5.09 4.58
C PRO A 131 23.43 5.86 3.32
N GLU A 132 23.36 5.19 2.18
CA GLU A 132 23.14 5.82 0.88
C GLU A 132 21.68 6.11 0.61
N ALA A 133 20.82 5.98 1.61
CA ALA A 133 19.40 6.21 1.39
C ALA A 133 19.15 7.65 0.99
N MET A 134 18.09 7.85 0.22
CA MET A 134 17.71 9.14 -0.32
C MET A 134 16.51 9.68 0.45
N SER A 135 16.50 10.99 0.66
CA SER A 135 15.52 11.60 1.52
C SER A 135 14.11 11.48 0.93
N ALA A 136 13.13 11.66 1.80
CA ALA A 136 11.74 11.62 1.37
C ALA A 136 11.39 12.76 0.43
N ALA A 137 12.09 13.89 0.54
CA ALA A 137 11.85 15.01 -0.36
C ALA A 137 12.47 14.76 -1.73
N GLU A 138 13.65 14.16 -1.75
CA GLU A 138 14.25 13.77 -3.02
C GLU A 138 13.37 12.76 -3.74
N ILE A 139 12.74 11.85 -2.99
CA ILE A 139 11.82 10.90 -3.59
C ILE A 139 10.54 11.59 -4.03
N THR A 140 10.04 12.53 -3.22
CA THR A 140 8.85 13.27 -3.58
C THR A 140 9.06 14.05 -4.87
N GLU A 141 10.30 14.48 -5.11
CA GLU A 141 10.60 15.17 -6.35
C GLU A 141 10.77 14.19 -7.51
N LYS A 142 11.47 13.08 -7.27
CA LYS A 142 11.73 12.13 -8.33
C LYS A 142 10.47 11.39 -8.77
N LEU A 143 9.55 11.14 -7.86
CA LEU A 143 8.33 10.43 -8.19
C LEU A 143 7.24 11.32 -8.76
N GLY A 144 7.42 12.65 -8.76
CA GLY A 144 6.40 13.54 -9.25
C GLY A 144 5.11 13.44 -8.47
N LEU A 145 5.21 13.58 -7.15
CA LEU A 145 4.07 13.41 -6.28
C LEU A 145 3.25 14.68 -6.14
N HIS A 146 3.88 15.85 -6.27
CA HIS A 146 3.14 17.09 -6.24
C HIS A 146 2.21 17.22 -7.44
N SER A 147 2.49 16.50 -8.52
CA SER A 147 1.61 16.48 -9.69
C SER A 147 0.27 15.82 -9.42
N ILE A 148 0.08 15.24 -8.24
CA ILE A 148 -1.15 14.54 -7.92
C ILE A 148 -2.20 15.56 -7.50
N ARG A 149 -3.38 15.48 -8.10
CA ARG A 149 -4.40 16.51 -7.93
C ARG A 149 -5.79 15.92 -7.71
N ASN A 150 -6.03 14.68 -8.12
CA ASN A 150 -7.33 14.07 -8.01
C ASN A 150 -7.43 13.17 -6.78
N ARG A 151 -6.47 13.26 -5.87
CA ARG A 151 -6.21 12.22 -4.90
C ARG A 151 -5.53 12.83 -3.69
N PRO A 152 -5.85 12.37 -2.48
CA PRO A 152 -4.99 12.66 -1.32
C PRO A 152 -3.74 11.80 -1.35
N TRP A 153 -2.64 12.34 -0.84
CA TRP A 153 -1.38 11.62 -0.87
C TRP A 153 -0.52 12.03 0.33
N PHE A 154 0.47 11.18 0.61
CA PHE A 154 1.33 11.35 1.77
C PHE A 154 2.53 10.43 1.61
N ILE A 155 3.67 10.89 2.12
CA ILE A 155 4.92 10.15 2.02
C ILE A 155 5.57 10.10 3.40
N GLN A 156 5.99 8.90 3.80
CA GLN A 156 6.56 8.66 5.11
C GLN A 156 7.86 7.88 4.95
N ALA A 157 8.84 8.20 5.77
CA ALA A 157 10.13 7.53 5.77
C ALA A 157 10.15 6.43 6.81
N THR A 158 10.55 5.23 6.39
CA THR A 158 10.37 4.04 7.19
C THR A 158 11.67 3.26 7.32
N CYS A 159 11.57 2.17 8.08
CA CYS A 159 12.64 1.18 8.30
C CYS A 159 11.91 -0.05 8.87
N ALA A 160 11.39 -0.88 7.96
CA ALA A 160 10.58 -2.01 8.36
C ALA A 160 11.32 -2.93 9.33
N THR A 161 12.65 -2.99 9.24
CA THR A 161 13.40 -3.82 10.16
C THR A 161 13.31 -3.32 11.59
N SER A 162 13.13 -2.01 11.76
CA SER A 162 13.02 -1.41 13.08
C SER A 162 11.62 -0.92 13.40
N GLY A 163 10.71 -0.95 12.44
CA GLY A 163 9.34 -0.52 12.66
C GLY A 163 9.11 0.97 12.59
N GLU A 164 10.15 1.76 12.36
CA GLU A 164 10.00 3.21 12.33
C GLU A 164 9.14 3.63 11.15
N GLY A 165 8.19 4.51 11.41
CA GLY A 165 7.37 5.11 10.38
C GLY A 165 6.24 4.24 9.86
N LEU A 166 6.09 3.03 10.37
CA LEU A 166 5.05 2.11 9.93
C LEU A 166 3.70 2.37 10.57
N TYR A 167 3.66 2.62 11.86
CA TYR A 167 2.42 2.95 12.55
C TYR A 167 2.01 4.40 12.34
N GLU A 168 2.86 5.21 11.72
CA GLU A 168 2.51 6.56 11.32
C GLU A 168 1.89 6.62 9.93
N GLY A 169 1.90 5.52 9.20
CA GLY A 169 1.22 5.44 7.93
C GLY A 169 -0.21 4.96 8.08
N LEU A 170 -0.42 3.91 8.87
CA LEU A 170 -1.75 3.49 9.22
C LEU A 170 -2.52 4.57 9.96
N GLU A 171 -1.81 5.44 10.69
CA GLU A 171 -2.43 6.58 11.35
C GLU A 171 -2.95 7.58 10.34
N TRP A 172 -2.22 7.81 9.25
CA TRP A 172 -2.70 8.73 8.22
C TRP A 172 -3.83 8.13 7.41
N LEU A 173 -3.76 6.83 7.11
CA LEU A 173 -4.82 6.15 6.39
C LEU A 173 -6.15 6.24 7.12
N SER A 174 -6.14 6.36 8.44
CA SER A 174 -7.35 6.57 9.21
C SER A 174 -8.06 7.87 8.88
N ASN A 175 -7.33 8.90 8.47
CA ASN A 175 -7.95 10.15 8.06
C ASN A 175 -8.98 9.93 6.96
N SER A 176 -8.75 8.96 6.08
CA SER A 176 -9.60 8.71 4.92
C SER A 176 -10.58 7.57 5.17
N LEU A 177 -10.99 7.39 6.41
CA LEU A 177 -11.92 6.33 6.75
C LEU A 177 -13.30 6.63 6.18
N LYS A 178 -14.06 5.56 5.96
CA LYS A 178 -15.41 5.65 5.41
C LYS A 178 -15.50 6.63 4.24
N LYS B 16 -11.61 -20.89 -3.67
CA LYS B 16 -12.39 -21.97 -3.10
C LYS B 16 -12.36 -23.18 -4.03
N GLU B 17 -12.30 -22.91 -5.33
CA GLU B 17 -12.21 -23.97 -6.33
C GLU B 17 -11.48 -23.43 -7.56
N MET B 18 -10.95 -24.36 -8.34
CA MET B 18 -10.23 -24.00 -9.55
C MET B 18 -9.99 -25.26 -10.35
N ARG B 19 -10.08 -25.14 -11.66
CA ARG B 19 -9.87 -26.27 -12.57
C ARG B 19 -8.63 -26.04 -13.41
N ILE B 20 -7.84 -27.09 -13.56
CA ILE B 20 -6.52 -27.02 -14.17
C ILE B 20 -6.42 -28.15 -15.18
N LEU B 21 -5.62 -27.92 -16.21
CA LEU B 21 -5.35 -28.93 -17.22
C LEU B 21 -3.84 -29.00 -17.42
N MET B 22 -3.24 -30.11 -17.02
CA MET B 22 -1.81 -30.33 -17.21
C MET B 22 -1.61 -31.06 -18.52
N VAL B 23 -0.75 -30.51 -19.37
CA VAL B 23 -0.54 -31.03 -20.71
C VAL B 23 0.93 -30.84 -21.06
N GLY B 24 1.29 -31.39 -22.20
CA GLY B 24 2.67 -31.38 -22.63
C GLY B 24 2.93 -32.57 -23.53
N LEU B 25 4.19 -32.70 -23.91
CA LEU B 25 4.62 -33.82 -24.74
C LEU B 25 4.83 -35.05 -23.86
N ASP B 26 5.15 -36.17 -24.49
CA ASP B 26 5.43 -37.40 -23.76
C ASP B 26 6.81 -37.32 -23.10
N GLY B 27 6.89 -37.83 -21.88
CA GLY B 27 8.14 -37.83 -21.16
C GLY B 27 8.40 -36.60 -20.33
N ALA B 28 7.49 -35.63 -20.35
CA ALA B 28 7.69 -34.34 -19.71
C ALA B 28 7.74 -34.42 -18.18
N GLY B 29 6.77 -35.06 -17.54
CA GLY B 29 6.71 -35.07 -16.10
C GLY B 29 5.36 -34.71 -15.52
N LYS B 30 4.29 -34.85 -16.31
CA LYS B 30 2.98 -34.42 -15.86
C LYS B 30 2.46 -35.28 -14.71
N THR B 31 2.43 -36.59 -14.90
CA THR B 31 1.96 -37.50 -13.88
C THR B 31 2.79 -37.41 -12.61
N THR B 32 4.11 -37.33 -12.78
CA THR B 32 5.01 -37.21 -11.65
C THR B 32 4.73 -35.93 -10.87
N VAL B 33 4.55 -34.81 -11.56
CA VAL B 33 4.20 -33.57 -10.89
C VAL B 33 2.89 -33.71 -10.12
N LEU B 34 1.89 -34.31 -10.75
CA LEU B 34 0.58 -34.41 -10.13
C LEU B 34 0.65 -35.23 -8.85
N TYR B 35 1.29 -36.39 -8.90
CA TYR B 35 1.36 -37.25 -7.73
C TYR B 35 2.52 -36.93 -6.82
N LYS B 36 3.28 -35.88 -7.12
CA LYS B 36 4.15 -35.25 -6.13
C LYS B 36 3.41 -34.17 -5.36
N LEU B 37 2.48 -33.48 -6.01
CA LEU B 37 1.62 -32.53 -5.33
C LEU B 37 0.57 -33.22 -4.45
N LYS B 38 -0.04 -34.30 -4.93
CA LYS B 38 -1.11 -34.98 -4.25
C LYS B 38 -0.66 -35.89 -3.12
N LEU B 39 0.38 -36.70 -3.33
CA LEU B 39 0.85 -37.66 -2.34
C LEU B 39 2.09 -37.19 -1.60
N GLY B 40 3.00 -36.50 -2.28
CA GLY B 40 4.27 -36.11 -1.71
C GLY B 40 5.41 -37.05 -2.01
N GLU B 41 5.14 -38.14 -2.72
CA GLU B 41 6.15 -39.13 -3.06
C GLU B 41 6.27 -39.28 -4.57
N VAL B 42 7.44 -39.71 -5.00
CA VAL B 42 7.73 -39.96 -6.40
C VAL B 42 7.32 -41.39 -6.75
N ILE B 43 6.25 -41.53 -7.53
CA ILE B 43 5.73 -42.83 -7.90
C ILE B 43 6.40 -43.29 -9.19
N THR B 44 6.45 -44.61 -9.37
CA THR B 44 6.76 -45.18 -10.66
C THR B 44 5.60 -44.91 -11.60
N THR B 45 5.88 -44.85 -12.89
CA THR B 45 4.91 -44.35 -13.84
C THR B 45 4.80 -45.28 -15.04
N ILE B 46 3.61 -45.27 -15.62
CA ILE B 46 3.33 -45.95 -16.88
C ILE B 46 2.83 -44.89 -17.85
N PRO B 47 3.00 -45.08 -19.14
CA PRO B 47 2.45 -44.11 -20.09
C PRO B 47 0.97 -43.89 -19.89
N THR B 48 0.56 -42.62 -19.98
CA THR B 48 -0.81 -42.24 -19.71
C THR B 48 -1.63 -42.32 -20.98
N ILE B 49 -2.39 -43.40 -21.12
CA ILE B 49 -3.23 -43.65 -22.27
C ILE B 49 -4.54 -42.92 -22.09
N GLY B 50 -5.08 -42.95 -20.89
CA GLY B 50 -6.34 -42.30 -20.61
C GLY B 50 -6.16 -40.92 -20.00
N PHE B 51 -6.54 -40.81 -18.73
CA PHE B 51 -6.40 -39.55 -18.01
C PHE B 51 -6.43 -39.84 -16.53
N ASN B 52 -5.76 -38.98 -15.77
CA ASN B 52 -5.80 -38.99 -14.32
C ASN B 52 -6.37 -37.66 -13.84
N VAL B 53 -7.10 -37.71 -12.74
CA VAL B 53 -7.74 -36.52 -12.18
C VAL B 53 -7.56 -36.56 -10.67
N GLU B 54 -7.10 -35.45 -10.10
CA GLU B 54 -6.84 -35.41 -8.66
C GLU B 54 -7.03 -34.01 -8.13
N THR B 55 -7.61 -33.93 -6.93
CA THR B 55 -7.81 -32.68 -6.24
C THR B 55 -6.73 -32.49 -5.19
N VAL B 56 -6.13 -31.30 -5.16
CA VAL B 56 -5.07 -30.96 -4.21
C VAL B 56 -5.44 -29.62 -3.57
N GLN B 57 -5.28 -29.54 -2.26
CA GLN B 57 -5.66 -28.33 -1.51
C GLN B 57 -4.39 -27.53 -1.23
N TYR B 58 -4.50 -26.22 -1.20
CA TYR B 58 -3.39 -25.30 -0.98
C TYR B 58 -3.95 -23.89 -0.89
N LYS B 59 -3.57 -23.18 0.17
CA LYS B 59 -3.99 -21.80 0.40
C LYS B 59 -5.50 -21.66 0.44
N ASN B 60 -6.19 -22.62 1.04
CA ASN B 60 -7.65 -22.66 1.09
C ASN B 60 -8.27 -22.75 -0.30
N ILE B 61 -7.57 -23.31 -1.26
CA ILE B 61 -8.06 -23.48 -2.62
C ILE B 61 -7.90 -24.94 -3.00
N SER B 62 -8.89 -25.47 -3.71
CA SER B 62 -8.92 -26.88 -4.09
C SER B 62 -8.77 -26.96 -5.60
N PHE B 63 -7.55 -27.15 -6.06
CA PHE B 63 -7.26 -27.30 -7.48
C PHE B 63 -7.65 -28.70 -7.91
N THR B 64 -8.34 -28.81 -9.04
CA THR B 64 -8.72 -30.10 -9.60
C THR B 64 -7.95 -30.28 -10.91
N VAL B 65 -6.88 -31.06 -10.85
CA VAL B 65 -5.94 -31.17 -11.96
C VAL B 65 -6.29 -32.40 -12.79
N TRP B 66 -6.25 -32.23 -14.10
CA TRP B 66 -6.48 -33.28 -15.07
C TRP B 66 -5.20 -33.49 -15.87
N ASP B 67 -4.49 -34.57 -15.59
CA ASP B 67 -3.32 -34.98 -16.33
C ASP B 67 -3.75 -35.92 -17.45
N VAL B 68 -3.19 -35.69 -18.64
CA VAL B 68 -3.60 -36.38 -19.86
C VAL B 68 -2.37 -36.90 -20.57
N GLY B 69 -2.61 -37.68 -21.62
CA GLY B 69 -1.53 -38.26 -22.38
C GLY B 69 -0.90 -37.29 -23.35
N GLY B 70 0.36 -37.57 -23.68
CA GLY B 70 1.10 -36.74 -24.61
C GLY B 70 1.49 -37.48 -25.87
N GLN B 71 1.25 -38.78 -25.91
CA GLN B 71 1.48 -39.53 -27.12
C GLN B 71 0.74 -38.89 -28.28
N ASP B 72 1.31 -39.04 -29.48
CA ASP B 72 0.73 -38.37 -30.65
C ASP B 72 -0.73 -38.74 -30.84
N ARG B 73 -1.12 -39.94 -30.42
CA ARG B 73 -2.49 -40.39 -30.62
C ARG B 73 -3.48 -39.80 -29.63
N ILE B 74 -3.01 -39.34 -28.47
CA ILE B 74 -3.89 -38.74 -27.47
C ILE B 74 -3.88 -37.24 -27.53
N ARG B 75 -2.88 -36.63 -28.15
CA ARG B 75 -2.85 -35.17 -28.31
C ARG B 75 -4.07 -34.66 -29.07
N SER B 76 -4.77 -35.52 -29.79
CA SER B 76 -5.98 -35.13 -30.50
C SER B 76 -7.24 -35.28 -29.67
N LEU B 77 -7.13 -35.79 -28.45
CA LEU B 77 -8.26 -35.94 -27.56
C LEU B 77 -8.26 -34.92 -26.43
N TRP B 78 -7.29 -34.00 -26.42
CA TRP B 78 -7.25 -32.99 -25.39
C TRP B 78 -8.44 -32.04 -25.49
N ARG B 79 -9.03 -31.90 -26.67
CA ARG B 79 -10.11 -30.94 -26.86
C ARG B 79 -11.30 -31.24 -25.96
N HIS B 80 -11.53 -32.50 -25.61
CA HIS B 80 -12.63 -32.84 -24.73
C HIS B 80 -12.52 -32.18 -23.37
N TYR B 81 -11.33 -31.70 -23.00
CA TYR B 81 -11.09 -31.14 -21.67
C TYR B 81 -10.93 -29.63 -21.67
N TYR B 82 -10.80 -28.99 -22.83
CA TYR B 82 -10.59 -27.54 -22.85
C TYR B 82 -11.72 -26.79 -22.17
N ARG B 83 -12.94 -27.32 -22.21
CA ARG B 83 -14.10 -26.60 -21.73
C ARG B 83 -14.06 -26.43 -20.22
N ASN B 84 -14.45 -25.25 -19.75
CA ASN B 84 -14.53 -24.94 -18.33
C ASN B 84 -13.19 -25.07 -17.64
N THR B 85 -12.11 -24.88 -18.38
CA THR B 85 -10.77 -24.97 -17.84
C THR B 85 -10.28 -23.57 -17.52
N GLU B 86 -9.89 -23.36 -16.25
CA GLU B 86 -9.51 -22.04 -15.77
C GLU B 86 -8.01 -21.82 -15.77
N GLY B 87 -7.22 -22.89 -15.75
CA GLY B 87 -5.79 -22.77 -15.88
C GLY B 87 -5.21 -23.93 -16.64
N VAL B 88 -4.05 -23.68 -17.24
CA VAL B 88 -3.31 -24.68 -17.99
C VAL B 88 -1.88 -24.70 -17.52
N ILE B 89 -1.32 -25.90 -17.44
CA ILE B 89 0.05 -26.13 -17.02
C ILE B 89 0.73 -26.93 -18.11
N PHE B 90 1.58 -26.27 -18.87
CA PHE B 90 2.34 -26.90 -19.94
C PHE B 90 3.68 -27.32 -19.38
N VAL B 91 3.91 -28.63 -19.33
CA VAL B 91 5.17 -29.16 -18.83
C VAL B 91 6.07 -29.46 -20.01
N VAL B 92 7.31 -28.99 -19.94
CA VAL B 92 8.29 -29.21 -21.00
C VAL B 92 9.55 -29.80 -20.39
N ASP B 93 10.04 -30.86 -21.01
CA ASP B 93 11.31 -31.46 -20.63
C ASP B 93 12.44 -30.58 -21.14
N SER B 94 13.29 -30.12 -20.22
CA SER B 94 14.38 -29.24 -20.60
C SER B 94 15.53 -30.01 -21.22
N ASN B 95 15.79 -31.21 -20.71
CA ASN B 95 16.87 -32.03 -21.30
C ASN B 95 16.57 -32.36 -22.75
N ASP B 96 15.31 -32.53 -23.09
CA ASP B 96 14.92 -32.83 -24.47
C ASP B 96 14.98 -31.56 -25.30
N ARG B 97 16.17 -31.24 -25.83
CA ARG B 97 16.36 -30.03 -26.59
C ARG B 97 16.07 -30.24 -28.07
N SER B 98 15.74 -31.47 -28.46
CA SER B 98 15.42 -31.79 -29.84
C SER B 98 13.93 -31.73 -30.14
N ARG B 99 13.08 -31.67 -29.13
CA ARG B 99 11.63 -31.62 -29.32
C ARG B 99 11.04 -30.31 -28.85
N ILE B 100 11.89 -29.32 -28.58
CA ILE B 100 11.40 -28.01 -28.16
C ILE B 100 10.64 -27.29 -29.26
N GLY B 101 10.80 -27.70 -30.51
CA GLY B 101 10.03 -27.12 -31.60
C GLY B 101 8.66 -27.72 -31.72
N GLU B 102 8.55 -29.03 -31.48
CA GLU B 102 7.25 -29.68 -31.45
C GLU B 102 6.36 -29.15 -30.35
N ALA B 103 6.91 -28.93 -29.16
CA ALA B 103 6.18 -28.29 -28.07
C ALA B 103 5.73 -26.90 -28.42
N ARG B 104 6.57 -26.13 -29.12
CA ARG B 104 6.16 -24.81 -29.58
C ARG B 104 4.98 -24.89 -30.53
N GLU B 105 5.00 -25.84 -31.46
CA GLU B 105 3.87 -26.04 -32.35
C GLU B 105 2.60 -26.35 -31.56
N VAL B 106 2.70 -27.30 -30.63
CA VAL B 106 1.52 -27.70 -29.86
C VAL B 106 0.97 -26.53 -29.08
N MET B 107 1.85 -25.74 -28.46
CA MET B 107 1.39 -24.66 -27.60
C MET B 107 0.82 -23.52 -28.42
N GLN B 108 1.42 -23.21 -29.57
CA GLN B 108 0.86 -22.15 -30.40
C GLN B 108 -0.46 -22.58 -31.03
N ARG B 109 -0.65 -23.89 -31.23
CA ARG B 109 -1.95 -24.36 -31.70
C ARG B 109 -2.99 -24.25 -30.60
N MET B 110 -2.63 -24.62 -29.38
CA MET B 110 -3.60 -24.66 -28.30
C MET B 110 -3.87 -23.29 -27.70
N LEU B 111 -3.01 -22.30 -27.96
CA LEU B 111 -3.29 -20.92 -27.59
C LEU B 111 -4.30 -20.25 -28.50
N ASN B 112 -4.55 -20.80 -29.68
CA ASN B 112 -5.48 -20.21 -30.64
C ASN B 112 -6.89 -20.76 -30.50
N GLU B 113 -7.09 -21.76 -29.65
CA GLU B 113 -8.42 -22.30 -29.41
C GLU B 113 -9.23 -21.33 -28.59
N ASP B 114 -10.52 -21.24 -28.91
CA ASP B 114 -11.41 -20.28 -28.29
C ASP B 114 -12.00 -20.75 -26.97
N GLU B 115 -11.95 -22.05 -26.69
CA GLU B 115 -12.41 -22.54 -25.40
C GLU B 115 -11.43 -22.21 -24.28
N LEU B 116 -10.15 -22.04 -24.63
CA LEU B 116 -9.12 -21.68 -23.65
C LEU B 116 -8.81 -20.19 -23.72
N ARG B 117 -9.81 -19.40 -24.06
CA ARG B 117 -9.62 -17.99 -24.35
C ARG B 117 -9.21 -17.17 -23.14
N ASN B 118 -9.69 -17.52 -21.95
CA ASN B 118 -9.38 -16.78 -20.74
C ASN B 118 -8.43 -17.54 -19.83
N ALA B 119 -8.07 -18.76 -20.19
CA ALA B 119 -7.24 -19.59 -19.34
C ALA B 119 -5.90 -18.93 -19.05
N ALA B 120 -5.46 -19.09 -17.80
CA ALA B 120 -4.13 -18.68 -17.38
C ALA B 120 -3.13 -19.71 -17.84
N TRP B 121 -1.94 -19.26 -18.18
CA TRP B 121 -0.89 -20.11 -18.73
C TRP B 121 0.25 -20.20 -17.73
N LEU B 122 0.62 -21.41 -17.37
CA LEU B 122 1.80 -21.67 -16.57
C LEU B 122 2.63 -22.71 -17.28
N VAL B 123 3.95 -22.57 -17.18
CA VAL B 123 4.87 -23.43 -17.88
C VAL B 123 5.85 -23.99 -16.87
N PHE B 124 5.84 -25.31 -16.72
CA PHE B 124 6.79 -26.01 -15.86
C PHE B 124 7.91 -26.51 -16.75
N ALA B 125 9.05 -25.85 -16.67
CA ALA B 125 10.28 -26.29 -17.31
C ALA B 125 10.92 -27.33 -16.39
N ASN B 126 10.57 -28.59 -16.61
CA ASN B 126 10.93 -29.64 -15.67
C ASN B 126 12.26 -30.27 -16.03
N LYS B 127 12.75 -31.12 -15.13
CA LYS B 127 14.02 -31.82 -15.30
C LYS B 127 15.19 -30.84 -15.28
N GLN B 128 15.15 -29.90 -14.33
CA GLN B 128 16.28 -29.00 -14.11
C GLN B 128 17.40 -29.63 -13.31
N ASP B 129 17.16 -30.77 -12.67
CA ASP B 129 18.22 -31.46 -11.94
C ASP B 129 19.25 -32.08 -12.87
N LEU B 130 18.91 -32.26 -14.14
CA LEU B 130 19.83 -32.87 -15.08
C LEU B 130 20.90 -31.85 -15.51
N PRO B 131 22.15 -32.29 -15.73
CA PRO B 131 23.21 -31.32 -16.01
C PRO B 131 23.00 -30.55 -17.30
N GLU B 132 22.50 -31.20 -18.34
CA GLU B 132 22.31 -30.60 -19.64
C GLU B 132 21.03 -29.79 -19.73
N ALA B 133 20.36 -29.56 -18.62
CA ALA B 133 19.09 -28.84 -18.66
C ALA B 133 19.31 -27.42 -19.16
N MET B 134 18.28 -26.88 -19.78
CA MET B 134 18.29 -25.56 -20.39
C MET B 134 17.52 -24.59 -19.53
N SER B 135 18.01 -23.36 -19.45
CA SER B 135 17.47 -22.39 -18.51
C SER B 135 16.03 -22.01 -18.88
N ALA B 136 15.33 -21.45 -17.91
CA ALA B 136 13.97 -21.00 -18.14
C ALA B 136 13.91 -19.85 -19.12
N ALA B 137 14.97 -19.05 -19.22
CA ALA B 137 14.99 -17.95 -20.18
C ALA B 137 15.23 -18.47 -21.59
N GLU B 138 16.11 -19.46 -21.73
CA GLU B 138 16.31 -20.11 -23.02
C GLU B 138 15.02 -20.75 -23.51
N ILE B 139 14.24 -21.32 -22.59
CA ILE B 139 12.95 -21.90 -22.95
C ILE B 139 11.94 -20.81 -23.27
N THR B 140 11.96 -19.72 -22.49
CA THR B 140 11.07 -18.60 -22.75
C THR B 140 11.33 -18.02 -24.13
N GLU B 141 12.57 -18.08 -24.60
CA GLU B 141 12.90 -17.59 -25.93
C GLU B 141 12.51 -18.62 -26.99
N LYS B 142 12.80 -19.89 -26.74
CA LYS B 142 12.51 -20.92 -27.74
C LYS B 142 11.02 -21.16 -27.91
N LEU B 143 10.23 -21.01 -26.85
CA LEU B 143 8.80 -21.24 -26.94
C LEU B 143 8.02 -20.03 -27.44
N GLY B 144 8.66 -18.88 -27.59
CA GLY B 144 7.96 -17.69 -28.02
C GLY B 144 6.87 -17.27 -27.06
N LEU B 145 7.24 -17.14 -25.79
CA LEU B 145 6.27 -16.84 -24.74
C LEU B 145 5.99 -15.35 -24.62
N HIS B 146 6.97 -14.51 -24.96
CA HIS B 146 6.73 -13.08 -24.95
C HIS B 146 5.73 -12.65 -26.01
N SER B 147 5.53 -13.47 -27.03
CA SER B 147 4.54 -13.21 -28.06
C SER B 147 3.11 -13.34 -27.55
N ILE B 148 2.92 -13.75 -26.30
CA ILE B 148 1.59 -13.93 -25.74
C ILE B 148 1.08 -12.58 -25.28
N ARG B 149 -0.15 -12.25 -25.69
CA ARG B 149 -0.69 -10.92 -25.48
C ARG B 149 -2.14 -10.94 -25.02
N ASN B 150 -2.87 -12.02 -25.26
CA ASN B 150 -4.28 -12.11 -24.90
C ASN B 150 -4.47 -12.85 -23.58
N ARG B 151 -3.40 -13.09 -22.84
CA ARG B 151 -3.38 -14.12 -21.81
C ARG B 151 -2.33 -13.74 -20.78
N PRO B 152 -2.58 -14.00 -19.50
CA PRO B 152 -1.50 -14.00 -18.51
C PRO B 152 -0.65 -15.26 -18.63
N TRP B 153 0.63 -15.14 -18.34
CA TRP B 153 1.53 -16.27 -18.46
C TRP B 153 2.67 -16.16 -17.46
N PHE B 154 3.33 -17.29 -17.23
CA PHE B 154 4.37 -17.42 -16.23
C PHE B 154 5.13 -18.71 -16.47
N ILE B 155 6.42 -18.68 -16.17
CA ILE B 155 7.30 -19.83 -16.36
C ILE B 155 8.11 -20.06 -15.10
N GLN B 156 8.13 -21.30 -14.64
CA GLN B 156 8.79 -21.70 -13.41
C GLN B 156 9.68 -22.90 -13.68
N ALA B 157 10.84 -22.92 -13.03
CA ALA B 157 11.79 -24.03 -13.16
C ALA B 157 11.58 -25.01 -12.03
N THR B 158 11.45 -26.29 -12.38
CA THR B 158 11.00 -27.30 -11.44
C THR B 158 11.94 -28.50 -11.42
N CYS B 159 11.60 -29.44 -10.56
CA CYS B 159 12.25 -30.74 -10.38
C CYS B 159 11.25 -31.59 -9.61
N ALA B 160 10.32 -32.21 -10.33
CA ALA B 160 9.24 -32.96 -9.71
C ALA B 160 9.75 -34.05 -8.78
N THR B 161 10.94 -34.58 -9.06
CA THR B 161 11.49 -35.60 -8.17
C THR B 161 11.83 -35.03 -6.80
N SER B 162 12.17 -33.74 -6.73
CA SER B 162 12.49 -33.08 -5.47
C SER B 162 11.43 -32.10 -5.01
N GLY B 163 10.41 -31.84 -5.82
CA GLY B 163 9.36 -30.93 -5.45
C GLY B 163 9.66 -29.47 -5.64
N GLU B 164 10.86 -29.12 -6.09
CA GLU B 164 11.23 -27.73 -6.25
C GLU B 164 10.39 -27.07 -7.33
N GLY B 165 9.88 -25.89 -7.02
CA GLY B 165 9.16 -25.08 -7.99
C GLY B 165 7.73 -25.49 -8.25
N LEU B 166 7.24 -26.53 -7.59
CA LEU B 166 5.89 -27.02 -7.81
C LEU B 166 4.84 -26.26 -7.01
N TYR B 167 5.11 -25.96 -5.75
CA TYR B 167 4.21 -25.17 -4.93
C TYR B 167 4.31 -23.69 -5.23
N GLU B 168 5.27 -23.27 -6.04
CA GLU B 168 5.37 -21.89 -6.51
C GLU B 168 4.59 -21.67 -7.79
N GLY B 169 4.08 -22.73 -8.41
CA GLY B 169 3.21 -22.61 -9.56
C GLY B 169 1.76 -22.52 -9.17
N LEU B 170 1.33 -23.38 -8.26
CA LEU B 170 0.00 -23.27 -7.67
C LEU B 170 -0.18 -21.96 -6.94
N GLU B 171 0.88 -21.39 -6.41
CA GLU B 171 0.84 -20.07 -5.78
C GLU B 171 0.54 -18.98 -6.80
N TRP B 172 1.11 -19.09 -8.01
CA TRP B 172 0.83 -18.11 -9.05
C TRP B 172 -0.57 -18.28 -9.63
N LEU B 173 -1.01 -19.51 -9.80
CA LEU B 173 -2.35 -19.78 -10.29
C LEU B 173 -3.42 -19.20 -9.40
N SER B 174 -3.14 -19.04 -8.10
CA SER B 174 -4.05 -18.36 -7.19
C SER B 174 -4.30 -16.91 -7.55
N ASN B 175 -3.32 -16.23 -8.16
CA ASN B 175 -3.53 -14.87 -8.60
C ASN B 175 -4.74 -14.73 -9.51
N SER B 176 -5.02 -15.76 -10.32
CA SER B 176 -6.08 -15.71 -11.31
C SER B 176 -7.34 -16.42 -10.82
N LEU B 177 -7.57 -16.38 -9.51
CA LEU B 177 -8.75 -17.01 -8.94
C LEU B 177 -10.01 -16.25 -9.34
N LYS B 178 -11.12 -16.96 -9.34
CA LYS B 178 -12.44 -16.42 -9.70
C LYS B 178 -12.35 -15.52 -10.94
N LYS C 16 -17.42 8.74 -23.15
CA LYS C 16 -17.94 7.45 -22.72
C LYS C 16 -17.49 6.36 -23.67
N GLU C 17 -17.37 6.71 -24.95
CA GLU C 17 -16.88 5.79 -25.97
C GLU C 17 -16.20 6.57 -27.07
N MET C 18 -15.35 5.87 -27.82
CA MET C 18 -14.63 6.49 -28.92
C MET C 18 -13.98 5.38 -29.74
N ARG C 19 -13.95 5.57 -31.05
CA ARG C 19 -13.35 4.59 -31.96
C ARG C 19 -12.14 5.19 -32.63
N ILE C 20 -11.08 4.40 -32.72
CA ILE C 20 -9.79 4.85 -33.17
C ILE C 20 -9.27 3.85 -34.20
N LEU C 21 -8.46 4.36 -35.12
CA LEU C 21 -7.82 3.52 -36.12
C LEU C 21 -6.34 3.87 -36.14
N MET C 22 -5.50 2.92 -35.71
CA MET C 22 -4.06 3.10 -35.72
C MET C 22 -3.52 2.54 -37.03
N VAL C 23 -2.77 3.35 -37.76
CA VAL C 23 -2.27 2.99 -39.06
C VAL C 23 -0.89 3.58 -39.24
N GLY C 24 -0.26 3.22 -40.34
CA GLY C 24 1.11 3.62 -40.61
C GLY C 24 1.76 2.61 -41.50
N LEU C 25 3.05 2.82 -41.73
CA LEU C 25 3.84 1.92 -42.54
C LEU C 25 4.28 0.73 -41.69
N ASP C 26 4.95 -0.23 -42.31
CA ASP C 26 5.48 -1.38 -41.59
C ASP C 26 6.70 -0.98 -40.78
N GLY C 27 6.79 -1.53 -39.57
CA GLY C 27 7.90 -1.26 -38.70
C GLY C 27 7.74 -0.05 -37.81
N ALA C 28 6.60 0.64 -37.90
CA ALA C 28 6.38 1.88 -37.19
C ALA C 28 6.30 1.73 -35.69
N GLY C 29 5.47 0.81 -35.18
CA GLY C 29 5.25 0.70 -33.76
C GLY C 29 3.80 0.65 -33.34
N LYS C 30 2.90 0.28 -34.25
CA LYS C 30 1.48 0.33 -33.94
C LYS C 30 1.09 -0.71 -32.90
N THR C 31 1.43 -1.97 -33.14
CA THR C 31 1.11 -3.04 -32.21
C THR C 31 1.75 -2.82 -30.86
N THR C 32 3.01 -2.39 -30.86
CA THR C 32 3.71 -2.10 -29.62
C THR C 32 3.03 -1.00 -28.83
N VAL C 33 2.63 0.08 -29.51
CA VAL C 33 1.88 1.15 -28.85
C VAL C 33 0.60 0.61 -28.24
N LEU C 34 -0.14 -0.19 -29.01
CA LEU C 34 -1.43 -0.66 -28.55
C LEU C 34 -1.29 -1.52 -27.30
N TYR C 35 -0.36 -2.46 -27.32
CA TYR C 35 -0.19 -3.36 -26.19
C TYR C 35 0.74 -2.80 -25.13
N LYS C 36 1.23 -1.57 -25.29
CA LYS C 36 1.78 -0.80 -24.19
C LYS C 36 0.71 0.00 -23.48
N LEU C 37 -0.30 0.46 -24.21
CA LEU C 37 -1.46 1.09 -23.60
C LEU C 37 -2.37 0.10 -22.88
N LYS C 38 -2.60 -1.06 -23.47
CA LYS C 38 -3.53 -2.06 -22.95
C LYS C 38 -2.97 -2.88 -21.80
N LEU C 39 -1.74 -3.37 -21.92
CA LEU C 39 -1.15 -4.23 -20.91
C LEU C 39 -0.16 -3.50 -20.01
N GLY C 40 0.60 -2.57 -20.55
CA GLY C 40 1.64 -1.89 -19.82
C GLY C 40 3.02 -2.48 -20.01
N GLU C 41 3.14 -3.55 -20.79
CA GLU C 41 4.41 -4.21 -21.03
C GLU C 41 4.72 -4.22 -22.51
N VAL C 42 6.00 -4.31 -22.82
CA VAL C 42 6.48 -4.39 -24.19
C VAL C 42 6.52 -5.85 -24.63
N ILE C 43 5.62 -6.21 -25.54
CA ILE C 43 5.52 -7.57 -26.01
C ILE C 43 6.41 -7.74 -27.23
N THR C 44 6.83 -8.99 -27.44
CA THR C 44 7.43 -9.38 -28.71
C THR C 44 6.34 -9.36 -29.76
N THR C 45 6.74 -9.14 -31.02
CA THR C 45 5.77 -8.86 -32.06
C THR C 45 6.04 -9.71 -33.29
N ILE C 46 4.96 -9.96 -34.01
CA ILE C 46 5.01 -10.61 -35.32
C ILE C 46 4.36 -9.67 -36.31
N PRO C 47 4.71 -9.71 -37.57
CA PRO C 47 4.02 -8.86 -38.55
C PRO C 47 2.51 -9.04 -38.52
N THR C 48 1.81 -7.94 -38.61
CA THR C 48 0.35 -7.93 -38.49
C THR C 48 -0.27 -8.15 -39.86
N ILE C 49 -0.68 -9.39 -40.12
CA ILE C 49 -1.30 -9.77 -41.38
C ILE C 49 -2.78 -9.42 -41.34
N GLY C 50 -3.41 -9.68 -40.21
CA GLY C 50 -4.82 -9.38 -40.07
C GLY C 50 -5.09 -8.06 -39.39
N PHE C 51 -5.61 -8.12 -38.17
CA PHE C 51 -5.89 -6.93 -37.40
C PHE C 51 -6.01 -7.31 -35.94
N ASN C 52 -5.68 -6.36 -35.08
CA ASN C 52 -5.87 -6.47 -33.65
C ASN C 52 -6.82 -5.38 -33.19
N VAL C 53 -7.62 -5.68 -32.18
CA VAL C 53 -8.61 -4.74 -31.67
C VAL C 53 -8.60 -4.83 -30.15
N GLU C 54 -8.52 -3.69 -29.49
CA GLU C 54 -8.43 -3.68 -28.04
C GLU C 54 -9.05 -2.41 -27.48
N THR C 55 -9.74 -2.56 -26.36
CA THR C 55 -10.35 -1.45 -25.65
C THR C 55 -9.48 -1.06 -24.47
N VAL C 56 -9.23 0.24 -24.33
CA VAL C 56 -8.41 0.79 -23.25
C VAL C 56 -9.17 1.93 -22.61
N GLN C 57 -9.20 1.97 -21.29
CA GLN C 57 -9.96 2.98 -20.54
C GLN C 57 -9.01 4.06 -20.06
N TYR C 58 -9.46 5.31 -20.03
CA TYR C 58 -8.66 6.46 -19.65
C TYR C 58 -9.58 7.68 -19.57
N LYS C 59 -9.52 8.39 -18.45
CA LYS C 59 -10.32 9.59 -18.22
C LYS C 59 -11.81 9.32 -18.36
N ASN C 60 -12.27 8.17 -17.89
CA ASN C 60 -13.66 7.75 -18.01
C ASN C 60 -14.09 7.60 -19.46
N ILE C 61 -13.16 7.30 -20.36
CA ILE C 61 -13.44 7.11 -21.77
C ILE C 61 -12.86 5.76 -22.18
N SER C 62 -13.58 5.05 -23.03
CA SER C 62 -13.19 3.70 -23.46
C SER C 62 -12.87 3.76 -24.93
N PHE C 63 -11.59 3.93 -25.26
CA PHE C 63 -11.13 3.95 -26.63
C PHE C 63 -11.09 2.52 -27.14
N THR C 64 -11.59 2.31 -28.36
CA THR C 64 -11.55 1.01 -29.02
C THR C 64 -10.63 1.12 -30.21
N VAL C 65 -9.40 0.65 -30.05
CA VAL C 65 -8.34 0.86 -31.04
C VAL C 65 -8.26 -0.36 -31.95
N TRP C 66 -8.14 -0.09 -33.25
CA TRP C 66 -7.97 -1.11 -34.28
C TRP C 66 -6.60 -0.92 -34.92
N ASP C 67 -5.66 -1.80 -34.58
CA ASP C 67 -4.35 -1.83 -35.20
C ASP C 67 -4.38 -2.77 -36.40
N VAL C 68 -3.79 -2.34 -37.49
CA VAL C 68 -3.87 -3.02 -38.78
C VAL C 68 -2.47 -3.15 -39.36
N GLY C 69 -2.37 -3.90 -40.46
CA GLY C 69 -1.10 -4.12 -41.09
C GLY C 69 -0.65 -2.96 -41.94
N GLY C 70 0.65 -2.87 -42.13
CA GLY C 70 1.24 -1.82 -42.93
C GLY C 70 1.95 -2.35 -44.16
N GLN C 71 2.07 -3.66 -44.28
CA GLN C 71 2.63 -4.25 -45.48
C GLN C 71 1.87 -3.73 -46.70
N ASP C 72 2.58 -3.66 -47.83
CA ASP C 72 1.97 -3.09 -49.03
C ASP C 72 0.69 -3.81 -49.41
N ARG C 73 0.59 -5.10 -49.08
CA ARG C 73 -0.57 -5.89 -49.46
C ARG C 73 -1.78 -5.64 -48.58
N ILE C 74 -1.59 -5.16 -47.36
CA ILE C 74 -2.68 -4.87 -46.45
C ILE C 74 -3.08 -3.41 -46.46
N ARG C 75 -2.22 -2.52 -46.93
CA ARG C 75 -2.56 -1.11 -47.04
C ARG C 75 -3.78 -0.88 -47.91
N SER C 76 -4.15 -1.85 -48.74
CA SER C 76 -5.33 -1.74 -49.59
C SER C 76 -6.59 -2.27 -48.92
N LEU C 77 -6.47 -2.81 -47.71
CA LEU C 77 -7.62 -3.31 -46.96
C LEU C 77 -8.01 -2.40 -45.82
N TRP C 78 -7.32 -1.27 -45.65
CA TRP C 78 -7.68 -0.35 -44.59
C TRP C 78 -9.06 0.26 -44.79
N ARG C 79 -9.54 0.31 -46.04
CA ARG C 79 -10.80 0.96 -46.33
C ARG C 79 -11.97 0.31 -45.59
N HIS C 80 -11.87 -0.99 -45.31
CA HIS C 80 -12.93 -1.67 -44.59
C HIS C 80 -13.16 -1.07 -43.20
N TYR C 81 -12.18 -0.34 -42.67
CA TYR C 81 -12.25 0.18 -41.31
C TYR C 81 -12.49 1.67 -41.23
N TYR C 82 -12.42 2.41 -42.34
CA TYR C 82 -12.61 3.86 -42.29
C TYR C 82 -13.97 4.24 -41.72
N ARG C 83 -14.98 3.41 -41.93
CA ARG C 83 -16.34 3.78 -41.57
C ARG C 83 -16.50 3.84 -40.05
N ASN C 84 -17.24 4.85 -39.60
CA ASN C 84 -17.56 5.04 -38.19
C ASN C 84 -16.31 5.21 -37.34
N THR C 85 -15.24 5.72 -37.94
CA THR C 85 -13.99 5.96 -37.25
C THR C 85 -13.94 7.42 -36.82
N GLU C 86 -13.76 7.64 -35.52
CA GLU C 86 -13.80 8.97 -34.94
C GLU C 86 -12.42 9.57 -34.76
N GLY C 87 -11.39 8.75 -34.68
CA GLY C 87 -10.03 9.25 -34.62
C GLY C 87 -9.08 8.33 -35.36
N VAL C 88 -7.98 8.92 -35.80
CA VAL C 88 -6.93 8.19 -36.49
C VAL C 88 -5.59 8.52 -35.86
N ILE C 89 -4.75 7.50 -35.74
CA ILE C 89 -3.42 7.60 -35.16
C ILE C 89 -2.45 7.10 -36.20
N PHE C 90 -1.71 8.01 -36.82
CA PHE C 90 -0.71 7.66 -37.81
C PHE C 90 0.63 7.58 -37.11
N VAL C 91 1.19 6.38 -37.08
CA VAL C 91 2.49 6.16 -36.45
C VAL C 91 3.56 6.19 -37.53
N VAL C 92 4.62 6.96 -37.28
CA VAL C 92 5.72 7.07 -38.22
C VAL C 92 7.02 6.80 -37.49
N ASP C 93 7.85 5.94 -38.08
CA ASP C 93 9.18 5.67 -37.58
C ASP C 93 10.08 6.85 -37.91
N SER C 94 10.67 7.45 -36.89
CA SER C 94 11.52 8.62 -37.09
C SER C 94 12.89 8.21 -37.59
N ASN C 95 13.42 7.09 -37.10
CA ASN C 95 14.72 6.63 -37.58
C ASN C 95 14.68 6.33 -39.07
N ASP C 96 13.55 5.85 -39.57
CA ASP C 96 13.41 5.55 -40.99
C ASP C 96 13.22 6.84 -41.76
N ARG C 97 14.32 7.49 -42.13
CA ARG C 97 14.27 8.76 -42.83
C ARG C 97 14.20 8.58 -44.33
N SER C 98 14.27 7.34 -44.81
CA SER C 98 14.19 7.02 -46.23
C SER C 98 12.79 6.73 -46.70
N ARG C 99 11.84 6.49 -45.80
CA ARG C 99 10.46 6.17 -46.16
C ARG C 99 9.50 7.25 -45.72
N ILE C 100 10.01 8.41 -45.32
CA ILE C 100 9.15 9.51 -44.91
C ILE C 100 8.35 10.08 -46.07
N GLY C 101 8.74 9.81 -47.30
CA GLY C 101 7.98 10.24 -48.46
C GLY C 101 6.82 9.31 -48.76
N GLU C 102 7.05 8.01 -48.58
CA GLU C 102 5.98 7.03 -48.74
C GLU C 102 4.87 7.24 -47.74
N ALA C 103 5.20 7.51 -46.48
CA ALA C 103 4.22 7.86 -45.47
C ALA C 103 3.46 9.13 -45.82
N ARG C 104 4.12 10.12 -46.38
CA ARG C 104 3.43 11.32 -46.84
C ARG C 104 2.43 10.99 -47.93
N GLU C 105 2.79 10.14 -48.88
CA GLU C 105 1.86 9.71 -49.91
C GLU C 105 0.65 9.03 -49.29
N VAL C 106 0.89 8.08 -48.38
CA VAL C 106 -0.20 7.33 -47.78
C VAL C 106 -1.13 8.26 -47.03
N MET C 107 -0.57 9.22 -46.29
CA MET C 107 -1.39 10.07 -45.45
C MET C 107 -2.16 11.09 -46.29
N GLN C 108 -1.55 11.62 -47.34
CA GLN C 108 -2.27 12.53 -48.21
C GLN C 108 -3.35 11.82 -49.00
N ARG C 109 -3.16 10.53 -49.27
CA ARG C 109 -4.23 9.77 -49.91
C ARG C 109 -5.37 9.52 -48.95
N MET C 110 -5.06 9.18 -47.70
CA MET C 110 -6.10 8.83 -46.75
C MET C 110 -6.78 10.03 -46.14
N LEU C 111 -6.20 11.22 -46.26
CA LEU C 111 -6.88 12.45 -45.88
C LEU C 111 -7.93 12.90 -46.88
N ASN C 112 -7.90 12.38 -48.10
CA ASN C 112 -8.83 12.76 -49.14
C ASN C 112 -10.05 11.85 -49.20
N GLU C 113 -10.07 10.79 -48.41
CA GLU C 113 -11.21 9.90 -48.35
C GLU C 113 -12.35 10.57 -47.60
N ASP C 114 -13.58 10.33 -48.07
CA ASP C 114 -14.76 10.99 -47.54
C ASP C 114 -15.33 10.29 -46.32
N GLU C 115 -14.96 9.04 -46.07
CA GLU C 115 -15.41 8.36 -44.86
C GLU C 115 -14.68 8.86 -43.63
N LEU C 116 -13.47 9.39 -43.81
CA LEU C 116 -12.68 9.93 -42.70
C LEU C 116 -12.77 11.46 -42.68
N ARG C 117 -13.91 11.98 -43.12
CA ARG C 117 -14.07 13.41 -43.32
C ARG C 117 -14.03 14.23 -42.05
N ASN C 118 -14.52 13.68 -40.94
CA ASN C 118 -14.56 14.39 -39.67
C ASN C 118 -13.54 13.85 -38.68
N ALA C 119 -12.82 12.79 -39.04
CA ALA C 119 -11.90 12.15 -38.13
C ALA C 119 -10.83 13.12 -37.65
N ALA C 120 -10.50 13.01 -36.37
CA ALA C 120 -9.38 13.72 -35.77
C ALA C 120 -8.09 13.02 -36.14
N TRP C 121 -7.04 13.79 -36.32
CA TRP C 121 -5.75 13.29 -36.77
C TRP C 121 -4.74 13.43 -35.64
N LEU C 122 -4.11 12.33 -35.28
CA LEU C 122 -2.99 12.34 -34.36
C LEU C 122 -1.83 11.60 -35.00
N VAL C 123 -0.63 12.08 -34.72
CA VAL C 123 0.57 11.54 -35.34
C VAL C 123 1.55 11.19 -34.24
N PHE C 124 1.88 9.91 -34.14
CA PHE C 124 2.88 9.42 -33.20
C PHE C 124 4.19 9.30 -33.96
N ALA C 125 5.09 10.23 -33.71
CA ALA C 125 6.45 10.16 -34.22
C ALA C 125 7.24 9.28 -33.28
N ASN C 126 7.28 7.98 -33.57
CA ASN C 126 7.79 7.00 -32.63
C ASN C 126 9.27 6.77 -32.86
N LYS C 127 9.87 6.02 -31.93
CA LYS C 127 11.29 5.69 -31.96
C LYS C 127 12.15 6.93 -31.77
N GLN C 128 11.77 7.77 -30.81
CA GLN C 128 12.57 8.92 -30.42
C GLN C 128 13.74 8.54 -29.51
N ASP C 129 13.74 7.35 -28.94
CA ASP C 129 14.85 6.91 -28.12
C ASP C 129 16.11 6.64 -28.93
N LEU C 130 15.98 6.47 -30.23
CA LEU C 130 17.12 6.18 -31.09
C LEU C 130 17.91 7.46 -31.35
N PRO C 131 19.24 7.38 -31.44
CA PRO C 131 20.03 8.62 -31.55
C PRO C 131 19.77 9.40 -32.82
N GLU C 132 19.58 8.70 -33.94
CA GLU C 132 19.38 9.32 -35.23
C GLU C 132 17.94 9.76 -35.45
N ALA C 133 17.11 9.73 -34.42
CA ALA C 133 15.71 10.10 -34.59
C ALA C 133 15.60 11.56 -35.01
N MET C 134 14.53 11.85 -35.73
CA MET C 134 14.26 13.17 -36.29
C MET C 134 13.16 13.85 -35.48
N SER C 135 13.30 15.15 -35.31
CA SER C 135 12.42 15.88 -34.41
C SER C 135 10.99 15.89 -34.94
N ALA C 136 10.05 16.18 -34.03
CA ALA C 136 8.66 16.28 -34.41
C ALA C 136 8.39 17.44 -35.35
N ALA C 137 9.20 18.48 -35.30
CA ALA C 137 9.03 19.61 -36.21
C ALA C 137 9.57 19.27 -37.60
N GLU C 138 10.68 18.55 -37.67
CA GLU C 138 11.18 18.08 -38.95
C GLU C 138 10.16 17.15 -39.61
N ILE C 139 9.49 16.33 -38.81
CA ILE C 139 8.44 15.47 -39.35
C ILE C 139 7.22 16.27 -39.75
N THR C 140 6.86 17.27 -38.93
CA THR C 140 5.74 18.13 -39.26
C THR C 140 5.97 18.85 -40.58
N GLU C 141 7.22 19.15 -40.89
CA GLU C 141 7.55 19.78 -42.16
C GLU C 141 7.56 18.77 -43.29
N LYS C 142 8.16 17.60 -43.05
CA LYS C 142 8.28 16.61 -44.11
C LYS C 142 6.93 15.99 -44.47
N LEU C 143 6.02 15.86 -43.51
CA LEU C 143 4.72 15.26 -43.78
C LEU C 143 3.70 16.26 -44.33
N GLY C 144 4.02 17.55 -44.36
CA GLY C 144 3.08 18.54 -44.82
C GLY C 144 1.82 18.59 -43.99
N LEU C 145 2.00 18.74 -42.68
CA LEU C 145 0.88 18.70 -41.75
C LEU C 145 0.21 20.05 -41.62
N HIS C 146 0.95 21.14 -41.80
CA HIS C 146 0.33 22.46 -41.77
C HIS C 146 -0.63 22.67 -42.93
N SER C 147 -0.48 21.90 -44.00
CA SER C 147 -1.39 21.95 -45.14
C SER C 147 -2.78 21.44 -44.80
N ILE C 148 -2.99 20.90 -43.61
CA ILE C 148 -4.28 20.34 -43.21
C ILE C 148 -5.18 21.47 -42.77
N ARG C 149 -6.39 21.50 -43.32
CA ARG C 149 -7.30 22.63 -43.12
C ARG C 149 -8.72 22.20 -42.83
N ASN C 150 -9.10 20.98 -43.20
CA ASN C 150 -10.47 20.49 -43.02
C ASN C 150 -10.60 19.65 -41.77
N ARG C 151 -9.58 19.65 -40.90
CA ARG C 151 -9.40 18.61 -39.92
C ARG C 151 -8.61 19.17 -38.75
N PRO C 152 -8.93 18.77 -37.52
CA PRO C 152 -7.99 18.99 -36.42
C PRO C 152 -6.83 18.00 -36.47
N TRP C 153 -5.65 18.44 -36.02
CA TRP C 153 -4.48 17.59 -36.08
C TRP C 153 -3.53 17.93 -34.94
N PHE C 154 -2.62 16.99 -34.67
CA PHE C 154 -1.70 17.09 -33.55
C PHE C 154 -0.61 16.06 -33.75
N ILE C 155 0.60 16.40 -33.30
CA ILE C 155 1.76 15.54 -33.42
C ILE C 155 2.46 15.45 -32.08
N GLN C 156 2.78 14.22 -31.67
CA GLN C 156 3.37 13.94 -30.38
C GLN C 156 4.58 13.03 -30.58
N ALA C 157 5.62 13.26 -29.80
CA ALA C 157 6.84 12.47 -29.85
C ALA C 157 6.78 11.39 -28.78
N THR C 158 7.04 10.15 -29.19
CA THR C 158 6.78 8.99 -28.35
C THR C 158 8.00 8.08 -28.26
N CYS C 159 7.82 7.02 -27.47
CA CYS C 159 8.78 5.93 -27.27
C CYS C 159 7.97 4.81 -26.65
N ALA C 160 7.33 4.02 -27.51
CA ALA C 160 6.42 2.97 -27.04
C ALA C 160 7.10 2.00 -26.10
N THR C 161 8.41 1.81 -26.24
CA THR C 161 9.12 0.92 -25.33
C THR C 161 9.15 1.47 -23.92
N SER C 162 9.12 2.79 -23.75
CA SER C 162 9.11 3.42 -22.45
C SER C 162 7.78 4.06 -22.08
N GLY C 163 6.83 4.10 -23.00
CA GLY C 163 5.53 4.67 -22.74
C GLY C 163 5.46 6.18 -22.83
N GLU C 164 6.57 6.85 -23.12
CA GLU C 164 6.55 8.30 -23.18
C GLU C 164 5.69 8.78 -24.34
N GLY C 165 4.85 9.78 -24.06
CA GLY C 165 4.05 10.42 -25.07
C GLY C 165 2.82 9.67 -25.52
N LEU C 166 2.56 8.49 -24.96
CA LEU C 166 1.42 7.68 -25.34
C LEU C 166 0.13 8.10 -24.66
N TYR C 167 0.17 8.36 -23.37
CA TYR C 167 -0.98 8.83 -22.63
C TYR C 167 -1.26 10.31 -22.87
N GLU C 168 -0.37 11.02 -23.54
CA GLU C 168 -0.59 12.40 -23.95
C GLU C 168 -1.26 12.49 -25.31
N GLY C 169 -1.39 11.38 -26.02
CA GLY C 169 -2.14 11.35 -27.25
C GLY C 169 -3.60 11.03 -27.05
N LEU C 170 -3.87 10.02 -26.22
CA LEU C 170 -5.23 9.74 -25.79
C LEU C 170 -5.84 10.91 -25.05
N GLU C 171 -5.03 11.71 -24.38
CA GLU C 171 -5.49 12.92 -23.73
C GLU C 171 -5.96 13.96 -24.72
N TRP C 172 -5.26 14.08 -25.85
CA TRP C 172 -5.68 15.03 -26.89
C TRP C 172 -6.91 14.53 -27.64
N LEU C 173 -6.98 13.24 -27.90
CA LEU C 173 -8.13 12.66 -28.55
C LEU C 173 -9.42 12.88 -27.78
N SER C 174 -9.33 13.03 -26.46
CA SER C 174 -10.47 13.37 -25.65
C SER C 174 -11.07 14.74 -25.98
N ASN C 175 -10.26 15.68 -26.43
CA ASN C 175 -10.77 16.97 -26.85
C ASN C 175 -11.86 16.85 -27.90
N SER C 176 -11.77 15.83 -28.77
CA SER C 176 -12.70 15.67 -29.89
C SER C 176 -13.76 14.63 -29.57
N LEU C 177 -14.13 14.52 -28.31
CA LEU C 177 -15.15 13.57 -27.91
C LEU C 177 -16.52 14.00 -28.42
N LYS C 178 -17.41 13.01 -28.59
CA LYS C 178 -18.76 13.21 -29.09
C LYS C 178 -18.79 14.19 -30.27
N LYS D 16 -27.17 28.56 -7.99
CA LYS D 16 -27.24 27.14 -7.69
C LYS D 16 -26.28 26.38 -8.58
N GLU D 17 -26.12 26.86 -9.82
CA GLU D 17 -25.20 26.26 -10.76
C GLU D 17 -24.69 27.33 -11.71
N MET D 18 -23.55 27.05 -12.33
CA MET D 18 -22.94 27.98 -13.27
C MET D 18 -21.83 27.25 -14.00
N ARG D 19 -21.68 27.55 -15.28
CA ARG D 19 -20.65 26.94 -16.10
C ARG D 19 -19.65 27.99 -16.55
N ILE D 20 -18.38 27.63 -16.49
CA ILE D 20 -17.27 28.55 -16.69
C ILE D 20 -16.29 27.91 -17.65
N LEU D 21 -15.59 28.74 -18.40
CA LEU D 21 -14.55 28.28 -19.31
C LEU D 21 -13.31 29.14 -19.07
N MET D 22 -12.26 28.51 -18.54
CA MET D 22 -11.00 29.19 -18.30
C MET D 22 -10.11 28.97 -19.51
N VAL D 23 -9.61 30.06 -20.07
CA VAL D 23 -8.83 30.02 -21.30
C VAL D 23 -7.75 31.08 -21.22
N GLY D 24 -6.88 31.07 -22.21
CA GLY D 24 -5.73 31.95 -22.23
C GLY D 24 -4.62 31.32 -23.04
N LEU D 25 -3.50 32.00 -23.03
CA LEU D 25 -2.31 31.51 -23.73
C LEU D 25 -1.60 30.48 -22.85
N ASP D 26 -0.54 29.89 -23.38
CA ASP D 26 0.25 28.94 -22.62
C ASP D 26 1.13 29.66 -21.60
N GLY D 27 1.22 29.08 -20.42
CA GLY D 27 2.03 29.65 -19.37
C GLY D 27 1.30 30.63 -18.47
N ALA D 28 0.02 30.88 -18.74
CA ALA D 28 -0.74 31.90 -18.04
C ALA D 28 -0.99 31.58 -16.57
N GLY D 29 -1.49 30.40 -16.25
CA GLY D 29 -1.85 30.09 -14.88
C GLY D 29 -3.22 29.49 -14.72
N LYS D 30 -3.78 28.91 -15.77
CA LYS D 30 -5.15 28.42 -15.71
C LYS D 30 -5.28 27.23 -14.78
N THR D 31 -4.48 26.19 -15.00
CA THR D 31 -4.51 25.00 -14.16
C THR D 31 -4.20 25.31 -12.72
N THR D 32 -3.21 26.16 -12.50
CA THR D 32 -2.84 26.57 -11.15
C THR D 32 -3.99 27.28 -10.46
N VAL D 33 -4.66 28.20 -11.15
CA VAL D 33 -5.82 28.87 -10.58
C VAL D 33 -6.89 27.86 -10.22
N LEU D 34 -7.16 26.92 -11.13
CA LEU D 34 -8.26 25.98 -10.91
C LEU D 34 -7.99 25.11 -9.69
N TYR D 35 -6.79 24.58 -9.58
CA TYR D 35 -6.46 23.71 -8.46
C TYR D 35 -5.98 24.46 -7.23
N LYS D 36 -5.94 25.79 -7.28
CA LYS D 36 -5.88 26.60 -6.09
C LYS D 36 -7.26 26.89 -5.53
N LEU D 37 -8.25 27.03 -6.41
CA LEU D 37 -9.64 27.16 -5.98
C LEU D 37 -10.21 25.84 -5.46
N LYS D 38 -9.93 24.73 -6.12
CA LYS D 38 -10.50 23.44 -5.78
C LYS D 38 -9.83 22.77 -4.58
N LEU D 39 -8.51 22.75 -4.51
CA LEU D 39 -7.79 22.08 -3.45
C LEU D 39 -7.28 23.02 -2.37
N GLY D 40 -6.84 24.21 -2.74
CA GLY D 40 -6.25 25.15 -1.83
C GLY D 40 -4.73 25.10 -1.80
N GLU D 41 -4.12 24.22 -2.58
CA GLU D 41 -2.68 24.08 -2.63
C GLU D 41 -2.17 24.30 -4.04
N VAL D 42 -0.92 24.71 -4.13
CA VAL D 42 -0.24 24.93 -5.40
C VAL D 42 0.38 23.63 -5.87
N ILE D 43 -0.18 23.06 -6.93
CA ILE D 43 0.30 21.79 -7.46
C ILE D 43 1.35 22.05 -8.51
N THR D 44 2.22 21.06 -8.69
CA THR D 44 3.10 21.03 -9.84
C THR D 44 2.25 20.75 -11.08
N THR D 45 2.71 21.21 -12.23
CA THR D 45 1.88 21.22 -13.42
C THR D 45 2.61 20.64 -14.61
N ILE D 46 1.81 20.08 -15.51
CA ILE D 46 2.28 19.62 -16.81
C ILE D 46 1.48 20.35 -17.86
N PRO D 47 2.00 20.55 -19.05
CA PRO D 47 1.21 21.18 -20.11
C PRO D 47 -0.11 20.48 -20.33
N THR D 48 -1.16 21.26 -20.51
CA THR D 48 -2.51 20.74 -20.63
C THR D 48 -2.80 20.44 -22.10
N ILE D 49 -2.70 19.16 -22.46
CA ILE D 49 -2.94 18.71 -23.82
C ILE D 49 -4.44 18.51 -24.01
N GLY D 50 -5.09 17.94 -23.01
CA GLY D 50 -6.52 17.70 -23.10
C GLY D 50 -7.34 18.78 -22.43
N PHE D 51 -7.98 18.41 -21.32
CA PHE D 51 -8.77 19.36 -20.57
C PHE D 51 -8.96 18.84 -19.16
N ASN D 52 -9.13 19.76 -18.24
CA ASN D 52 -9.47 19.46 -16.86
C ASN D 52 -10.81 20.09 -16.54
N VAL D 53 -11.59 19.44 -15.68
CA VAL D 53 -12.91 19.92 -15.31
C VAL D 53 -13.09 19.70 -13.82
N GLU D 54 -13.53 20.74 -13.11
CA GLU D 54 -13.66 20.64 -11.67
C GLU D 54 -14.77 21.55 -11.18
N THR D 55 -15.52 21.07 -10.20
CA THR D 55 -16.59 21.82 -9.58
C THR D 55 -16.09 22.39 -8.26
N VAL D 56 -16.36 23.67 -8.04
CA VAL D 56 -15.96 24.37 -6.81
C VAL D 56 -17.18 25.11 -6.28
N GLN D 57 -17.42 25.01 -4.99
CA GLN D 57 -18.58 25.62 -4.36
C GLN D 57 -18.16 26.94 -3.73
N TYR D 58 -19.05 27.91 -3.67
CA TYR D 58 -18.79 29.25 -3.13
C TYR D 58 -20.09 30.04 -3.17
N LYS D 59 -20.46 30.62 -2.03
CA LYS D 59 -21.66 31.44 -1.92
C LYS D 59 -22.92 30.67 -2.30
N ASN D 60 -22.99 29.40 -1.95
CA ASN D 60 -24.10 28.52 -2.32
C ASN D 60 -24.23 28.36 -3.82
N ILE D 61 -23.13 28.49 -4.56
CA ILE D 61 -23.12 28.34 -6.01
C ILE D 61 -22.03 27.32 -6.35
N SER D 62 -22.31 26.48 -7.34
CA SER D 62 -21.40 25.41 -7.73
C SER D 62 -20.91 25.70 -9.14
N PHE D 63 -19.75 26.35 -9.23
CA PHE D 63 -19.14 26.65 -10.50
C PHE D 63 -18.49 25.39 -11.05
N THR D 64 -18.71 25.12 -12.33
CA THR D 64 -18.10 23.99 -13.01
C THR D 64 -17.12 24.53 -14.04
N VAL D 65 -15.84 24.51 -13.69
CA VAL D 65 -14.80 25.17 -14.48
C VAL D 65 -14.16 24.15 -15.40
N TRP D 66 -13.94 24.55 -16.64
CA TRP D 66 -13.26 23.76 -17.66
C TRP D 66 -11.98 24.47 -18.06
N ASP D 67 -10.85 23.95 -17.60
CA ASP D 67 -9.54 24.46 -17.99
C ASP D 67 -9.06 23.67 -19.20
N VAL D 68 -8.50 24.39 -20.17
CA VAL D 68 -8.14 23.84 -21.47
C VAL D 68 -6.72 24.27 -21.82
N GLY D 69 -6.21 23.70 -22.90
CA GLY D 69 -4.87 24.00 -23.32
C GLY D 69 -4.76 25.32 -24.05
N GLY D 70 -3.55 25.88 -24.01
CA GLY D 70 -3.28 27.14 -24.67
C GLY D 70 -2.27 27.01 -25.78
N GLN D 71 -1.66 25.85 -25.91
CA GLN D 71 -0.75 25.60 -27.02
C GLN D 71 -1.45 25.92 -28.34
N ASP D 72 -0.68 26.34 -29.33
CA ASP D 72 -1.26 26.76 -30.59
C ASP D 72 -2.12 25.67 -31.20
N ARG D 73 -1.79 24.40 -30.94
CA ARG D 73 -2.52 23.29 -31.53
C ARG D 73 -3.85 23.02 -30.86
N ILE D 74 -4.02 23.43 -29.61
CA ILE D 74 -5.27 23.22 -28.89
C ILE D 74 -6.16 24.44 -28.92
N ARG D 75 -5.62 25.62 -29.21
CA ARG D 75 -6.44 26.82 -29.32
C ARG D 75 -7.53 26.69 -30.39
N SER D 76 -7.39 25.72 -31.30
CA SER D 76 -8.39 25.47 -32.33
C SER D 76 -9.45 24.48 -31.90
N LEU D 77 -9.33 23.91 -30.70
CA LEU D 77 -10.31 22.97 -30.17
C LEU D 77 -11.16 23.58 -29.09
N TRP D 78 -10.97 24.85 -28.77
CA TRP D 78 -11.78 25.49 -27.75
C TRP D 78 -13.24 25.59 -28.17
N ARG D 79 -13.52 25.58 -29.47
CA ARG D 79 -14.89 25.76 -29.95
C ARG D 79 -15.81 24.68 -29.44
N HIS D 80 -15.30 23.48 -29.19
CA HIS D 80 -16.13 22.39 -28.67
C HIS D 80 -16.75 22.75 -27.33
N TYR D 81 -16.21 23.73 -26.62
CA TYR D 81 -16.65 24.06 -25.27
C TYR D 81 -17.44 25.36 -25.19
N TYR D 82 -17.48 26.16 -26.25
CA TYR D 82 -18.18 27.44 -26.19
C TYR D 82 -19.65 27.27 -25.84
N ARG D 83 -20.25 26.15 -26.25
CA ARG D 83 -21.70 25.98 -26.11
C ARG D 83 -22.09 25.85 -24.64
N ASN D 84 -23.20 26.49 -24.29
CA ASN D 84 -23.77 26.41 -22.94
C ASN D 84 -22.81 26.95 -21.89
N THR D 85 -21.92 27.86 -22.29
CA THR D 85 -20.97 28.45 -21.38
C THR D 85 -21.50 29.80 -20.90
N GLU D 86 -21.61 29.95 -19.59
CA GLU D 86 -22.21 31.12 -18.98
C GLU D 86 -21.20 32.15 -18.56
N GLY D 87 -19.96 31.75 -18.32
CA GLY D 87 -18.90 32.69 -18.03
C GLY D 87 -17.58 32.24 -18.62
N VAL D 88 -16.72 33.22 -18.86
CA VAL D 88 -15.39 32.98 -19.38
C VAL D 88 -14.38 33.70 -18.52
N ILE D 89 -13.23 33.05 -18.30
CA ILE D 89 -12.14 33.56 -17.51
C ILE D 89 -10.90 33.52 -18.38
N PHE D 90 -10.47 34.69 -18.83
CA PHE D 90 -9.29 34.81 -19.66
C PHE D 90 -8.12 35.14 -18.75
N VAL D 91 -7.17 34.23 -18.66
CA VAL D 91 -5.99 34.43 -17.83
C VAL D 91 -4.87 34.93 -18.71
N VAL D 92 -4.21 36.00 -18.28
CA VAL D 92 -3.09 36.58 -19.01
C VAL D 92 -1.91 36.73 -18.07
N ASP D 93 -0.75 36.28 -18.54
CA ASP D 93 0.50 36.45 -17.83
C ASP D 93 0.95 37.90 -17.97
N SER D 94 1.12 38.58 -16.84
CA SER D 94 1.50 39.98 -16.87
C SER D 94 2.99 40.14 -17.14
N ASN D 95 3.82 39.24 -16.61
CA ASN D 95 5.25 39.31 -16.87
C ASN D 95 5.54 39.15 -18.35
N ASP D 96 4.75 38.35 -19.06
CA ASP D 96 4.93 38.15 -20.48
C ASP D 96 4.40 39.36 -21.24
N ARG D 97 5.23 40.38 -21.39
CA ARG D 97 4.83 41.61 -22.05
C ARG D 97 5.04 41.56 -23.55
N SER D 98 5.63 40.46 -24.05
CA SER D 98 5.88 40.27 -25.46
C SER D 98 4.76 39.54 -26.18
N ARG D 99 3.84 38.89 -25.46
CA ARG D 99 2.75 38.14 -26.06
C ARG D 99 1.40 38.76 -25.75
N ILE D 100 1.38 39.99 -25.23
CA ILE D 100 0.14 40.68 -24.93
C ILE D 100 -0.64 41.02 -26.20
N GLY D 101 0.01 41.02 -27.36
CA GLY D 101 -0.69 41.25 -28.61
C GLY D 101 -1.36 40.00 -29.13
N GLU D 102 -0.71 38.85 -28.96
CA GLU D 102 -1.31 37.58 -29.32
C GLU D 102 -2.57 37.29 -28.52
N ALA D 103 -2.53 37.56 -27.21
CA ALA D 103 -3.71 37.44 -26.37
C ALA D 103 -4.83 38.36 -26.80
N ARG D 104 -4.49 39.58 -27.21
CA ARG D 104 -5.50 40.50 -27.74
C ARG D 104 -6.15 39.93 -29.00
N GLU D 105 -5.35 39.36 -29.90
CA GLU D 105 -5.92 38.71 -31.08
C GLU D 105 -6.87 37.60 -30.70
N VAL D 106 -6.43 36.72 -29.80
CA VAL D 106 -7.25 35.58 -29.41
C VAL D 106 -8.56 36.06 -28.79
N MET D 107 -8.50 37.07 -27.94
CA MET D 107 -9.68 37.51 -27.22
C MET D 107 -10.64 38.25 -28.15
N GLN D 108 -10.11 39.06 -29.07
CA GLN D 108 -10.99 39.73 -30.02
C GLN D 108 -11.60 38.75 -31.00
N ARG D 109 -10.92 37.63 -31.28
CA ARG D 109 -11.53 36.61 -32.11
C ARG D 109 -12.63 35.88 -31.35
N MET D 110 -12.40 35.58 -30.09
CA MET D 110 -13.36 34.78 -29.33
C MET D 110 -14.53 35.61 -28.81
N LEU D 111 -14.41 36.93 -28.79
CA LEU D 111 -15.53 37.80 -28.50
C LEU D 111 -16.51 37.93 -29.64
N ASN D 112 -16.12 37.57 -30.86
CA ASN D 112 -16.97 37.69 -32.03
C ASN D 112 -17.75 36.42 -32.31
N GLU D 113 -17.50 35.35 -31.57
CA GLU D 113 -18.23 34.11 -31.73
C GLU D 113 -19.63 34.26 -31.16
N ASP D 114 -20.60 33.65 -31.85
CA ASP D 114 -22.00 33.80 -31.50
C ASP D 114 -22.45 32.83 -30.41
N GLU D 115 -21.69 31.77 -30.14
CA GLU D 115 -22.04 30.87 -29.05
C GLU D 115 -21.73 31.49 -27.69
N LEU D 116 -20.77 32.42 -27.65
CA LEU D 116 -20.40 33.11 -26.41
C LEU D 116 -21.05 34.50 -26.36
N ARG D 117 -22.23 34.61 -26.97
CA ARG D 117 -22.87 35.90 -27.16
C ARG D 117 -23.31 36.57 -25.87
N ASN D 118 -23.72 35.80 -24.87
CA ASN D 118 -24.21 36.33 -23.61
C ASN D 118 -23.21 36.10 -22.48
N ALA D 119 -22.13 35.39 -22.74
CA ALA D 119 -21.16 35.05 -21.71
C ALA D 119 -20.60 36.28 -21.03
N ALA D 120 -20.45 36.18 -19.71
CA ALA D 120 -19.76 37.18 -18.91
C ALA D 120 -18.26 37.02 -19.08
N TRP D 121 -17.55 38.14 -19.06
CA TRP D 121 -16.12 38.16 -19.29
C TRP D 121 -15.41 38.56 -18.02
N LEU D 122 -14.48 37.73 -17.59
CA LEU D 122 -13.58 38.05 -16.49
C LEU D 122 -12.16 37.83 -16.95
N VAL D 123 -11.27 38.68 -16.47
CA VAL D 123 -9.88 38.65 -16.90
C VAL D 123 -9.01 38.57 -15.66
N PHE D 124 -8.26 37.49 -15.53
CA PHE D 124 -7.30 37.31 -14.46
C PHE D 124 -5.93 37.72 -14.99
N ALA D 125 -5.48 38.90 -14.57
CA ALA D 125 -4.13 39.36 -14.84
C ALA D 125 -3.22 38.73 -13.80
N ASN D 126 -2.67 37.56 -14.13
CA ASN D 126 -1.98 36.75 -13.15
C ASN D 126 -0.50 37.09 -13.12
N LYS D 127 0.20 36.51 -12.14
CA LYS D 127 1.62 36.72 -11.94
C LYS D 127 1.94 38.16 -11.57
N GLN D 128 1.14 38.71 -10.65
CA GLN D 128 1.39 40.04 -10.10
C GLN D 128 2.47 40.02 -9.04
N ASP D 129 2.83 38.86 -8.50
CA ASP D 129 3.90 38.77 -7.52
C ASP D 129 5.27 39.04 -8.12
N LEU D 130 5.40 38.95 -9.44
CA LEU D 130 6.67 39.17 -10.08
C LEU D 130 6.98 40.66 -10.17
N PRO D 131 8.24 41.06 -10.03
CA PRO D 131 8.54 42.51 -9.97
C PRO D 131 8.19 43.25 -11.25
N GLU D 132 8.43 42.63 -12.40
CA GLU D 132 8.20 43.26 -13.69
C GLU D 132 6.76 43.18 -14.14
N ALA D 133 5.85 42.77 -13.26
CA ALA D 133 4.47 42.63 -13.65
C ALA D 133 3.88 43.98 -14.04
N MET D 134 2.90 43.94 -14.92
CA MET D 134 2.25 45.11 -15.47
C MET D 134 0.88 45.29 -14.85
N SER D 135 0.50 46.54 -14.61
CA SER D 135 -0.71 46.82 -13.85
C SER D 135 -1.95 46.37 -14.60
N ALA D 136 -3.04 46.23 -13.87
CA ALA D 136 -4.31 45.85 -14.47
C ALA D 136 -4.84 46.92 -15.41
N ALA D 137 -4.48 48.18 -15.18
CA ALA D 137 -4.92 49.25 -16.08
C ALA D 137 -4.11 49.24 -17.37
N GLU D 138 -2.80 48.98 -17.27
CA GLU D 138 -1.99 48.83 -18.46
C GLU D 138 -2.48 47.66 -19.30
N ILE D 139 -2.93 46.59 -18.66
CA ILE D 139 -3.50 45.46 -19.40
C ILE D 139 -4.86 45.82 -19.96
N THR D 140 -5.66 46.53 -19.19
CA THR D 140 -6.97 46.97 -19.68
C THR D 140 -6.82 47.84 -20.92
N GLU D 141 -5.73 48.60 -21.00
CA GLU D 141 -5.48 49.42 -22.17
C GLU D 141 -4.93 48.58 -23.32
N LYS D 142 -3.99 47.68 -23.03
CA LYS D 142 -3.37 46.89 -24.08
C LYS D 142 -4.33 45.87 -24.69
N LEU D 143 -5.26 45.34 -23.89
CA LEU D 143 -6.21 44.35 -24.39
C LEU D 143 -7.42 44.97 -25.07
N GLY D 144 -7.59 46.28 -25.00
CA GLY D 144 -8.76 46.91 -25.60
C GLY D 144 -10.05 46.44 -24.99
N LEU D 145 -10.13 46.51 -23.66
CA LEU D 145 -11.27 46.00 -22.93
C LEU D 145 -12.42 47.00 -22.87
N HIS D 146 -12.11 48.30 -22.89
CA HIS D 146 -13.16 49.31 -22.93
C HIS D 146 -13.94 49.27 -24.23
N SER D 147 -13.38 48.69 -25.28
CA SER D 147 -14.06 48.52 -26.54
C SER D 147 -15.20 47.52 -26.47
N ILE D 148 -15.37 46.84 -25.34
CA ILE D 148 -16.41 45.83 -25.18
C ILE D 148 -17.71 46.53 -24.86
N ARG D 149 -18.77 46.16 -25.60
CA ARG D 149 -20.03 46.88 -25.54
C ARG D 149 -21.23 45.94 -25.51
N ASN D 150 -21.07 44.70 -25.96
CA ASN D 150 -22.19 43.76 -26.03
C ASN D 150 -22.18 42.81 -24.85
N ARG D 151 -21.38 43.10 -23.82
CA ARG D 151 -20.96 42.10 -22.86
C ARG D 151 -20.61 42.80 -21.55
N PRO D 152 -20.93 42.21 -20.41
CA PRO D 152 -20.31 42.64 -19.15
C PRO D 152 -18.88 42.14 -19.05
N TRP D 153 -18.03 42.92 -18.40
CA TRP D 153 -16.63 42.56 -18.28
C TRP D 153 -16.04 43.12 -16.98
N PHE D 154 -14.91 42.54 -16.59
CA PHE D 154 -14.26 42.85 -15.33
C PHE D 154 -12.84 42.30 -15.38
N ILE D 155 -11.93 43.00 -14.72
CA ILE D 155 -10.52 42.62 -14.67
C ILE D 155 -10.04 42.67 -13.23
N GLN D 156 -9.37 41.61 -12.82
CA GLN D 156 -8.90 41.43 -11.45
C GLN D 156 -7.44 41.03 -11.48
N ALA D 157 -6.67 41.56 -10.52
CA ALA D 157 -5.25 41.25 -10.40
C ALA D 157 -5.06 40.14 -9.39
N THR D 158 -4.31 39.11 -9.78
CA THR D 158 -4.26 37.87 -9.04
C THR D 158 -2.81 37.44 -8.78
N CYS D 159 -2.70 36.33 -8.06
CA CYS D 159 -1.45 35.63 -7.73
C CYS D 159 -1.88 34.24 -7.29
N ALA D 160 -2.05 33.35 -8.27
CA ALA D 160 -2.57 32.02 -8.00
C ALA D 160 -1.73 31.27 -6.98
N THR D 161 -0.43 31.57 -6.91
CA THR D 161 0.41 30.91 -5.92
C THR D 161 0.02 31.30 -4.50
N SER D 162 -0.50 32.51 -4.31
CA SER D 162 -0.93 32.98 -3.00
C SER D 162 -2.43 33.07 -2.85
N GLY D 163 -3.20 32.85 -3.91
CA GLY D 163 -4.64 32.89 -3.85
C GLY D 163 -5.24 34.28 -3.91
N GLU D 164 -4.43 35.32 -3.99
CA GLU D 164 -4.96 36.67 -4.00
C GLU D 164 -5.76 36.92 -5.27
N GLY D 165 -6.93 37.52 -5.10
CA GLY D 165 -7.76 37.93 -6.22
C GLY D 165 -8.55 36.84 -6.89
N LEU D 166 -8.44 35.60 -6.42
CA LEU D 166 -9.14 34.47 -7.02
C LEU D 166 -10.58 34.33 -6.55
N TYR D 167 -10.82 34.48 -5.25
CA TYR D 167 -12.17 34.45 -4.72
C TYR D 167 -12.93 35.74 -4.95
N GLU D 168 -12.27 36.78 -5.43
CA GLU D 168 -12.91 38.02 -5.83
C GLU D 168 -13.36 37.99 -7.28
N GLY D 169 -12.97 36.97 -8.04
CA GLY D 169 -13.48 36.79 -9.38
C GLY D 169 -14.73 35.95 -9.43
N LEU D 170 -14.73 34.84 -8.70
CA LEU D 170 -15.94 34.06 -8.51
C LEU D 170 -17.04 34.87 -7.85
N GLU D 171 -16.68 35.84 -7.02
CA GLU D 171 -17.64 36.74 -6.42
C GLU D 171 -18.31 37.63 -7.46
N TRP D 172 -17.55 38.10 -8.44
CA TRP D 172 -18.12 38.92 -9.50
C TRP D 172 -18.96 38.09 -10.46
N LEU D 173 -18.52 36.88 -10.78
CA LEU D 173 -19.28 35.99 -11.63
C LEU D 173 -20.65 35.68 -11.08
N SER D 174 -20.81 35.73 -9.75
CA SER D 174 -22.11 35.57 -9.13
C SER D 174 -23.11 36.65 -9.51
N ASN D 175 -22.64 37.86 -9.80
CA ASN D 175 -23.52 38.92 -10.26
C ASN D 175 -24.33 38.51 -11.48
N SER D 176 -23.75 37.68 -12.35
CA SER D 176 -24.37 37.29 -13.61
C SER D 176 -25.02 35.92 -13.51
N LEU D 177 -25.51 35.57 -12.33
CA LEU D 177 -26.16 34.28 -12.14
C LEU D 177 -27.49 34.25 -12.86
N LYS D 178 -27.93 33.03 -13.20
CA LYS D 178 -29.17 32.79 -13.92
C LYS D 178 -29.39 33.78 -15.05
N LYS E 16 -26.18 19.77 26.28
CA LYS E 16 -26.12 18.35 26.54
C LYS E 16 -25.06 17.70 25.68
N GLU E 17 -24.88 18.22 24.47
CA GLU E 17 -23.87 17.74 23.55
C GLU E 17 -23.43 18.87 22.64
N MET E 18 -22.23 18.71 22.08
CA MET E 18 -21.69 19.72 21.18
C MET E 18 -20.48 19.12 20.49
N ARG E 19 -20.30 19.46 19.23
CA ARG E 19 -19.17 18.97 18.44
C ARG E 19 -18.27 20.13 18.05
N ILE E 20 -16.96 19.89 18.18
CA ILE E 20 -15.95 20.92 18.03
C ILE E 20 -14.87 20.40 17.11
N LEU E 21 -14.23 21.32 16.40
CA LEU E 21 -13.10 20.97 15.53
C LEU E 21 -11.97 21.94 15.85
N MET E 22 -10.89 21.41 16.42
CA MET E 22 -9.71 22.20 16.73
C MET E 22 -8.75 22.10 15.56
N VAL E 23 -8.33 23.24 15.03
CA VAL E 23 -7.50 23.30 13.85
C VAL E 23 -6.53 24.46 14.00
N GLY E 24 -5.62 24.56 13.04
CA GLY E 24 -4.57 25.53 13.10
C GLY E 24 -3.37 25.04 12.34
N LEU E 25 -2.31 25.84 12.39
CA LEU E 25 -1.06 25.47 11.75
C LEU E 25 -0.29 24.51 12.64
N ASP E 26 0.84 24.03 12.15
CA ASP E 26 1.70 23.14 12.93
C ASP E 26 2.44 23.93 14.00
N GLY E 27 2.55 23.33 15.18
CA GLY E 27 3.24 23.96 16.28
C GLY E 27 2.39 24.84 17.15
N ALA E 28 1.10 24.97 16.84
CA ALA E 28 0.21 25.89 17.51
C ALA E 28 -0.06 25.53 18.96
N GLY E 29 -0.46 24.29 19.24
CA GLY E 29 -0.85 23.91 20.58
C GLY E 29 -2.17 23.18 20.68
N LYS E 30 -2.62 22.57 19.58
CA LYS E 30 -3.94 21.95 19.58
C LYS E 30 -3.99 20.73 20.48
N THR E 31 -3.09 19.79 20.29
CA THR E 31 -3.03 18.57 21.09
C THR E 31 -2.81 18.88 22.55
N THR E 32 -1.91 19.82 22.83
CA THR E 32 -1.66 20.24 24.20
C THR E 32 -2.90 20.82 24.86
N VAL E 33 -3.62 21.68 24.15
CA VAL E 33 -4.87 22.22 24.67
C VAL E 33 -5.85 21.10 24.96
N LEU E 34 -6.00 20.17 24.03
CA LEU E 34 -6.99 19.11 24.18
C LEU E 34 -6.70 18.26 25.40
N TYR E 35 -5.46 17.84 25.56
CA TYR E 35 -5.10 16.97 26.68
C TYR E 35 -4.74 17.74 27.93
N LYS E 36 -4.84 19.06 27.91
CA LYS E 36 -4.91 19.86 29.12
C LYS E 36 -6.34 20.00 29.62
N LEU E 37 -7.30 20.07 28.70
CA LEU E 37 -8.70 20.04 29.06
C LEU E 37 -9.16 18.67 29.54
N LYS E 38 -8.74 17.61 28.88
CA LYS E 38 -9.20 16.25 29.16
C LYS E 38 -8.53 15.63 30.37
N LEU E 39 -7.21 15.74 30.50
CA LEU E 39 -6.48 15.11 31.59
C LEU E 39 -6.12 16.08 32.70
N GLY E 40 -5.79 17.31 32.37
CA GLY E 40 -5.31 18.28 33.33
C GLY E 40 -3.81 18.39 33.43
N GLU E 41 -3.07 17.58 32.66
CA GLU E 41 -1.63 17.59 32.68
C GLU E 41 -1.08 17.90 31.29
N VAL E 42 0.13 18.43 31.27
CA VAL E 42 0.83 18.74 30.04
C VAL E 42 1.61 17.52 29.57
N ILE E 43 1.15 16.92 28.48
CA ILE E 43 1.77 15.70 27.95
C ILE E 43 2.84 16.09 26.95
N THR E 44 3.81 15.20 26.79
CA THR E 44 4.74 15.28 25.68
C THR E 44 3.97 14.94 24.41
N THR E 45 4.44 15.46 23.28
CA THR E 45 3.66 15.43 22.07
C THR E 45 4.50 14.94 20.90
N ILE E 46 3.80 14.34 19.95
CA ILE E 46 4.38 13.94 18.67
C ILE E 46 3.55 14.62 17.59
N PRO E 47 4.10 14.90 16.43
CA PRO E 47 3.30 15.46 15.36
C PRO E 47 2.06 14.64 15.06
N THR E 48 0.95 15.33 14.84
CA THR E 48 -0.33 14.67 14.64
C THR E 48 -0.53 14.38 13.17
N ILE E 49 -0.29 13.13 12.79
CA ILE E 49 -0.42 12.67 11.41
C ILE E 49 -1.88 12.34 11.15
N GLY E 50 -2.52 11.69 12.10
CA GLY E 50 -3.90 11.31 11.94
C GLY E 50 -4.86 12.28 12.59
N PHE E 51 -5.50 11.84 13.66
CA PHE E 51 -6.43 12.69 14.39
C PHE E 51 -6.62 12.12 15.78
N ASN E 52 -6.92 13.00 16.72
CA ASN E 52 -7.30 12.64 18.07
C ASN E 52 -8.70 13.13 18.34
N VAL E 53 -9.44 12.39 19.15
CA VAL E 53 -10.82 12.73 19.46
C VAL E 53 -11.05 12.46 20.94
N GLU E 54 -11.62 13.43 21.64
CA GLU E 54 -11.81 13.29 23.07
C GLU E 54 -13.02 14.07 23.53
N THR E 55 -13.76 13.51 24.47
CA THR E 55 -14.92 14.14 25.05
C THR E 55 -14.54 14.72 26.42
N VAL E 56 -14.95 15.97 26.64
CA VAL E 56 -14.68 16.67 27.89
C VAL E 56 -15.98 17.28 28.38
N GLN E 57 -16.26 17.13 29.66
CA GLN E 57 -17.52 17.61 30.25
C GLN E 57 -17.26 18.94 30.93
N TYR E 58 -18.23 19.83 30.95
CA TYR E 58 -18.14 21.16 31.52
C TYR E 58 -19.50 21.83 31.43
N LYS E 59 -19.98 22.34 32.56
CA LYS E 59 -21.27 23.04 32.64
C LYS E 59 -22.41 22.16 32.18
N ASN E 60 -22.38 20.88 32.51
CA ASN E 60 -23.37 19.91 32.08
C ASN E 60 -23.42 19.76 30.56
N ILE E 61 -22.31 20.02 29.88
CA ILE E 61 -22.21 19.89 28.43
C ILE E 61 -21.03 19.00 28.12
N SER E 62 -21.17 18.16 27.11
CA SER E 62 -20.15 17.19 26.74
C SER E 62 -19.62 17.56 25.36
N PHE E 63 -18.53 18.32 25.34
CA PHE E 63 -17.90 18.72 24.09
C PHE E 63 -17.11 17.53 23.56
N THR E 64 -17.23 17.27 22.26
CA THR E 64 -16.49 16.21 21.59
C THR E 64 -15.52 16.87 20.62
N VAL E 65 -14.26 16.97 21.03
CA VAL E 65 -13.26 17.74 20.30
C VAL E 65 -12.48 16.82 19.39
N TRP E 66 -12.25 17.26 18.16
CA TRP E 66 -11.46 16.57 17.16
C TRP E 66 -10.23 17.40 16.84
N ASP E 67 -9.07 16.99 17.34
CA ASP E 67 -7.81 17.62 17.03
C ASP E 67 -7.19 16.92 15.82
N VAL E 68 -6.67 17.71 14.89
CA VAL E 68 -6.20 17.23 13.60
C VAL E 68 -4.82 17.79 13.34
N GLY E 69 -4.20 17.31 12.27
CA GLY E 69 -2.87 17.75 11.91
C GLY E 69 -2.86 19.09 11.21
N GLY E 70 -1.73 19.76 11.31
CA GLY E 70 -1.56 21.05 10.69
C GLY E 70 -0.48 21.05 9.63
N GLN E 71 0.25 19.95 9.51
CA GLN E 71 1.22 19.83 8.43
C GLN E 71 0.54 20.09 7.10
N ASP E 72 1.33 20.61 6.15
CA ASP E 72 0.76 21.00 4.86
C ASP E 72 0.05 19.84 4.19
N ARG E 73 0.48 18.62 4.45
CA ARG E 73 -0.10 17.46 3.80
C ARG E 73 -1.43 17.04 4.41
N ILE E 74 -1.71 17.40 5.65
CA ILE E 74 -2.95 17.05 6.31
C ILE E 74 -3.96 18.18 6.26
N ARG E 75 -3.53 19.41 6.02
CA ARG E 75 -4.46 20.53 5.89
C ARG E 75 -5.47 20.31 4.77
N SER E 76 -5.20 19.38 3.85
CA SER E 76 -6.13 19.07 2.78
C SER E 76 -7.10 17.95 3.14
N LEU E 77 -6.98 17.38 4.32
CA LEU E 77 -7.88 16.33 4.79
C LEU E 77 -8.84 16.83 5.85
N TRP E 78 -8.78 18.12 6.20
CA TRP E 78 -9.70 18.65 7.18
C TRP E 78 -11.14 18.61 6.71
N ARG E 79 -11.37 18.61 5.39
CA ARG E 79 -12.71 18.67 4.85
C ARG E 79 -13.56 17.48 5.30
N HIS E 80 -12.93 16.33 5.56
CA HIS E 80 -13.68 15.17 6.02
C HIS E 80 -14.40 15.43 7.34
N TYR E 81 -13.98 16.45 8.09
CA TYR E 81 -14.51 16.70 9.42
C TYR E 81 -15.43 17.91 9.49
N TYR E 82 -15.50 18.74 8.44
CA TYR E 82 -16.33 19.93 8.49
C TYR E 82 -17.78 19.61 8.77
N ARG E 83 -18.26 18.45 8.31
CA ARG E 83 -19.67 18.13 8.38
C ARG E 83 -20.12 17.93 9.83
N ASN E 84 -21.30 18.45 10.14
CA ASN E 84 -21.92 18.29 11.46
C ASN E 84 -21.07 18.90 12.56
N THR E 85 -20.26 19.89 12.22
CA THR E 85 -19.40 20.57 13.18
C THR E 85 -20.09 21.83 13.65
N GLU E 86 -20.28 21.95 14.96
CA GLU E 86 -21.02 23.04 15.56
C GLU E 86 -20.13 24.16 16.05
N GLY E 87 -18.86 23.87 16.33
CA GLY E 87 -17.92 24.91 16.69
C GLY E 87 -16.54 24.60 16.15
N VAL E 88 -15.76 25.66 15.98
CA VAL E 88 -14.40 25.57 15.51
C VAL E 88 -13.50 26.37 16.43
N ILE E 89 -12.32 25.81 16.69
CA ILE E 89 -11.31 26.42 17.55
C ILE E 89 -10.04 26.53 16.73
N PHE E 90 -9.70 27.73 16.31
CA PHE E 90 -8.50 27.99 15.54
C PHE E 90 -7.41 28.41 16.52
N VAL E 91 -6.38 27.60 16.64
CA VAL E 91 -5.27 27.89 17.53
C VAL E 91 -4.16 28.52 16.71
N VAL E 92 -3.62 29.65 17.19
CA VAL E 92 -2.55 30.35 16.52
C VAL E 92 -1.41 30.58 17.51
N ASP E 93 -0.21 30.25 17.09
CA ASP E 93 0.98 30.54 17.86
C ASP E 93 1.29 32.03 17.76
N SER E 94 1.35 32.69 18.92
CA SER E 94 1.59 34.13 18.93
C SER E 94 3.07 34.44 18.72
N ASN E 95 3.95 33.61 19.28
CA ASN E 95 5.39 33.82 19.09
C ASN E 95 5.76 33.72 17.61
N ASP E 96 5.08 32.87 16.87
CA ASP E 96 5.35 32.72 15.44
C ASP E 96 4.73 33.89 14.68
N ARG E 97 5.46 34.99 14.58
CA ARG E 97 4.96 36.19 13.93
C ARG E 97 5.26 36.18 12.43
N SER E 98 5.96 35.16 11.95
CA SER E 98 6.29 35.03 10.55
C SER E 98 5.29 34.21 9.76
N ARG E 99 4.41 33.46 10.43
CA ARG E 99 3.43 32.62 9.77
C ARG E 99 2.01 33.09 10.04
N ILE E 100 1.86 34.31 10.57
CA ILE E 100 0.53 34.87 10.81
C ILE E 100 -0.22 35.15 9.52
N GLY E 101 0.46 35.24 8.39
CA GLY E 101 -0.19 35.43 7.12
C GLY E 101 -0.71 34.14 6.54
N GLU E 102 0.04 33.05 6.72
CA GLU E 102 -0.41 31.74 6.32
C GLU E 102 -1.67 31.30 7.06
N ALA E 103 -1.72 31.55 8.37
CA ALA E 103 -2.92 31.29 9.15
C ALA E 103 -4.10 32.12 8.67
N ARG E 104 -3.87 33.37 8.31
CA ARG E 104 -4.93 34.19 7.75
C ARG E 104 -5.47 33.59 6.45
N GLU E 105 -4.58 33.12 5.58
CA GLU E 105 -5.02 32.45 4.36
C GLU E 105 -5.88 31.24 4.69
N VAL E 106 -5.40 30.39 5.59
CA VAL E 106 -6.11 29.17 5.92
C VAL E 106 -7.50 29.49 6.49
N MET E 107 -7.56 30.49 7.36
CA MET E 107 -8.82 30.80 8.02
C MET E 107 -9.80 31.46 7.06
N GLN E 108 -9.32 32.34 6.18
CA GLN E 108 -10.22 32.94 5.22
C GLN E 108 -10.69 31.93 4.18
N ARG E 109 -9.88 30.90 3.92
CA ARG E 109 -10.35 29.82 3.05
C ARG E 109 -11.41 28.98 3.74
N MET E 110 -11.22 28.67 5.00
CA MET E 110 -12.12 27.77 5.69
C MET E 110 -13.38 28.47 6.18
N LEU E 111 -13.39 29.80 6.22
CA LEU E 111 -14.62 30.55 6.49
C LEU E 111 -15.55 30.60 5.29
N ASN E 112 -15.07 30.31 4.10
CA ASN E 112 -15.88 30.38 2.89
C ASN E 112 -16.52 29.03 2.55
N GLU E 113 -16.18 27.99 3.27
CA GLU E 113 -16.79 26.68 3.06
C GLU E 113 -18.22 26.68 3.57
N ASP E 114 -19.09 25.99 2.83
CA ASP E 114 -20.51 25.99 3.12
C ASP E 114 -20.92 24.97 4.17
N GLU E 115 -20.07 23.98 4.46
CA GLU E 115 -20.37 23.03 5.52
C GLU E 115 -20.18 23.65 6.89
N LEU E 116 -19.33 24.66 6.99
CA LEU E 116 -19.09 25.36 8.26
C LEU E 116 -19.86 26.67 8.31
N ARG E 117 -21.02 26.69 7.65
CA ARG E 117 -21.78 27.92 7.45
C ARG E 117 -22.34 28.50 8.73
N ASN E 118 -22.72 27.66 9.69
CA ASN E 118 -23.30 28.13 10.94
C ASN E 118 -22.35 27.97 12.11
N ALA E 119 -21.18 27.38 11.88
CA ALA E 119 -20.24 27.11 12.96
C ALA E 119 -19.84 28.38 13.68
N ALA E 120 -19.73 28.26 15.00
CA ALA E 120 -19.18 29.31 15.85
C ALA E 120 -17.67 29.29 15.75
N TRP E 121 -17.07 30.47 15.83
CA TRP E 121 -15.64 30.65 15.65
C TRP E 121 -15.03 31.08 16.97
N LEU E 122 -14.04 30.34 17.43
CA LEU E 122 -13.24 30.72 18.57
C LEU E 122 -11.78 30.66 18.17
N VAL E 123 -10.99 31.57 18.71
CA VAL E 123 -9.59 31.70 18.35
C VAL E 123 -8.77 31.68 19.62
N PHE E 124 -7.92 30.67 19.76
CA PHE E 124 -7.00 30.56 20.88
C PHE E 124 -5.66 31.12 20.42
N ALA E 125 -5.34 32.32 20.88
CA ALA E 125 -4.04 32.90 20.68
C ALA E 125 -3.11 32.36 21.75
N ASN E 126 -2.44 31.26 21.43
CA ASN E 126 -1.71 30.49 22.43
C ASN E 126 -0.27 30.97 22.52
N LYS E 127 0.43 30.45 23.53
CA LYS E 127 1.83 30.79 23.79
C LYS E 127 1.96 32.24 24.21
N GLN E 128 1.08 32.70 25.09
CA GLN E 128 1.19 34.03 25.67
C GLN E 128 2.21 34.10 26.80
N ASP E 129 2.65 32.96 27.32
CA ASP E 129 3.67 32.96 28.36
C ASP E 129 5.04 33.36 27.82
N LEU E 130 5.23 33.32 26.51
CA LEU E 130 6.52 33.68 25.93
C LEU E 130 6.67 35.20 25.88
N PRO E 131 7.88 35.72 26.08
CA PRO E 131 8.04 37.18 26.18
C PRO E 131 7.67 37.91 24.90
N GLU E 132 8.03 37.35 23.76
CA GLU E 132 7.79 37.98 22.46
C GLU E 132 6.39 37.76 21.94
N ALA E 133 5.49 37.25 22.78
CA ALA E 133 4.13 36.99 22.33
C ALA E 133 3.44 38.28 21.93
N MET E 134 2.51 38.15 21.01
CA MET E 134 1.77 39.28 20.44
C MET E 134 0.36 39.30 21.01
N SER E 135 -0.15 40.49 21.25
CA SER E 135 -1.41 40.65 21.96
C SER E 135 -2.57 40.09 21.13
N ALA E 136 -3.67 39.83 21.82
CA ALA E 136 -4.87 39.34 21.15
C ALA E 136 -5.46 40.38 20.21
N ALA E 137 -5.24 41.66 20.46
CA ALA E 137 -5.73 42.70 19.57
C ALA E 137 -4.87 42.81 18.33
N GLU E 138 -3.56 42.67 18.48
CA GLU E 138 -2.68 42.63 17.33
C GLU E 138 -3.02 41.44 16.44
N ILE E 139 -3.38 40.30 17.04
CA ILE E 139 -3.80 39.15 16.26
C ILE E 139 -5.17 39.38 15.64
N THR E 140 -6.07 40.01 16.38
CA THR E 140 -7.39 40.32 15.85
C THR E 140 -7.28 41.23 14.64
N GLU E 141 -6.27 42.08 14.61
CA GLU E 141 -6.05 42.95 13.46
C GLU E 141 -5.36 42.20 12.33
N LYS E 142 -4.36 41.39 12.65
CA LYS E 142 -3.61 40.68 11.62
C LYS E 142 -4.44 39.59 10.96
N LEU E 143 -5.35 38.95 11.69
CA LEU E 143 -6.16 37.89 11.13
C LEU E 143 -7.40 38.40 10.40
N GLY E 144 -7.70 39.69 10.49
CA GLY E 144 -8.90 40.21 9.85
C GLY E 144 -10.17 39.59 10.40
N LEU E 145 -10.31 39.64 11.71
CA LEU E 145 -11.43 39.01 12.38
C LEU E 145 -12.66 39.90 12.41
N HIS E 146 -12.48 41.20 12.42
CA HIS E 146 -13.63 42.10 12.36
C HIS E 146 -14.35 42.02 11.02
N SER E 147 -13.68 41.53 9.98
CA SER E 147 -14.30 41.32 8.69
C SER E 147 -15.33 40.21 8.71
N ILE E 148 -15.48 39.48 9.81
CA ILE E 148 -16.42 38.38 9.89
C ILE E 148 -17.80 38.94 10.16
N ARG E 149 -18.78 38.49 9.37
CA ARG E 149 -20.11 39.08 9.39
C ARG E 149 -21.21 38.03 9.35
N ASN E 150 -20.92 36.82 8.87
CA ASN E 150 -21.92 35.78 8.75
C ASN E 150 -21.88 34.80 9.91
N ARG E 151 -21.14 35.14 10.97
CA ARG E 151 -20.69 34.17 11.94
C ARG E 151 -20.46 34.88 13.27
N PRO E 152 -20.78 34.23 14.39
CA PRO E 152 -20.26 34.70 15.68
C PRO E 152 -18.79 34.34 15.84
N TRP E 153 -18.05 35.18 16.54
CA TRP E 153 -16.62 34.95 16.72
C TRP E 153 -16.15 35.53 18.05
N PHE E 154 -14.98 35.06 18.48
CA PHE E 154 -14.42 35.41 19.78
C PHE E 154 -12.96 35.00 19.79
N ILE E 155 -12.15 35.78 20.50
CA ILE E 155 -10.73 35.54 20.60
C ILE E 155 -10.31 35.59 22.07
N GLN E 156 -9.55 34.59 22.49
CA GLN E 156 -9.13 34.44 23.88
C GLN E 156 -7.64 34.19 23.92
N ALA E 157 -6.97 34.76 24.90
CA ALA E 157 -5.53 34.59 25.10
C ALA E 157 -5.28 33.47 26.09
N THR E 158 -4.41 32.53 25.72
CA THR E 158 -4.27 31.29 26.44
C THR E 158 -2.81 31.00 26.76
N CYS E 159 -2.61 29.89 27.47
CA CYS E 159 -1.32 29.31 27.83
C CYS E 159 -1.63 27.88 28.24
N ALA E 160 -1.68 27.00 27.23
CA ALA E 160 -2.07 25.61 27.46
C ALA E 160 -1.20 24.93 28.50
N THR E 161 0.06 25.36 28.64
CA THR E 161 0.92 24.75 29.65
C THR E 161 0.43 25.08 31.06
N SER E 162 -0.23 26.22 31.24
CA SER E 162 -0.75 26.62 32.54
C SER E 162 -2.26 26.56 32.62
N GLY E 163 -2.95 26.29 31.52
CA GLY E 163 -4.39 26.19 31.52
C GLY E 163 -5.12 27.51 31.46
N GLU E 164 -4.41 28.64 31.43
CA GLU E 164 -5.07 29.93 31.41
C GLU E 164 -5.84 30.12 30.12
N GLY E 165 -7.07 30.60 30.24
CA GLY E 165 -7.88 30.95 29.10
C GLY E 165 -8.54 29.80 28.37
N LEU E 166 -8.33 28.57 28.82
CA LEU E 166 -8.88 27.39 28.17
C LEU E 166 -10.31 27.10 28.57
N TYR E 167 -10.64 27.20 29.85
CA TYR E 167 -11.99 27.03 30.33
C TYR E 167 -12.86 28.24 30.10
N GLU E 168 -12.29 29.35 29.66
CA GLU E 168 -13.03 30.52 29.25
C GLU E 168 -13.41 30.49 27.77
N GLY E 169 -12.90 29.53 27.02
CA GLY E 169 -13.31 29.32 25.65
C GLY E 169 -14.48 28.37 25.54
N LEU E 170 -14.40 27.25 26.25
CA LEU E 170 -15.54 26.35 26.36
C LEU E 170 -16.74 27.03 26.99
N GLU E 171 -16.51 28.02 27.85
CA GLU E 171 -17.58 28.80 28.42
C GLU E 171 -18.29 29.65 27.37
N TRP E 172 -17.53 30.21 26.43
CA TRP E 172 -18.14 30.99 25.36
C TRP E 172 -18.85 30.11 24.35
N LEU E 173 -18.28 28.96 24.03
CA LEU E 173 -18.90 28.01 23.13
C LEU E 173 -20.26 27.56 23.61
N SER E 174 -20.49 27.56 24.93
CA SER E 174 -21.80 27.26 25.49
C SER E 174 -22.87 28.25 25.07
N ASN E 175 -22.51 29.51 24.83
CA ASN E 175 -23.47 30.49 24.35
C ASN E 175 -24.17 30.02 23.08
N SER E 176 -23.48 29.27 22.23
CA SER E 176 -24.01 28.85 20.94
C SER E 176 -24.52 27.42 20.98
N LEU E 177 -25.03 27.00 22.13
CA LEU E 177 -25.56 25.65 22.27
C LEU E 177 -26.85 25.51 21.48
N LYS E 178 -27.13 24.26 21.10
CA LYS E 178 -28.33 23.91 20.33
C LYS E 178 -28.58 24.91 19.20
N LYS F 16 -11.06 -6.44 45.72
CA LYS F 16 -11.35 -7.81 46.07
C LYS F 16 -10.61 -8.75 45.14
N GLU F 17 -10.46 -8.32 43.88
CA GLU F 17 -9.72 -9.09 42.90
C GLU F 17 -9.12 -8.14 41.87
N MET F 18 -8.09 -8.63 41.18
CA MET F 18 -7.41 -7.85 40.18
C MET F 18 -6.49 -8.77 39.40
N ARG F 19 -6.39 -8.53 38.09
CA ARG F 19 -5.54 -9.31 37.23
C ARG F 19 -4.41 -8.46 36.68
N ILE F 20 -3.22 -9.04 36.66
CA ILE F 20 -1.99 -8.32 36.35
C ILE F 20 -1.21 -9.15 35.35
N LEU F 21 -0.43 -8.46 34.52
CA LEU F 21 0.44 -9.11 33.56
C LEU F 21 1.83 -8.48 33.69
N MET F 22 2.78 -9.26 34.17
CA MET F 22 4.17 -8.81 34.28
C MET F 22 4.90 -9.20 33.02
N VAL F 23 5.54 -8.22 32.39
CA VAL F 23 6.22 -8.43 31.12
C VAL F 23 7.46 -7.56 31.08
N GLY F 24 8.24 -7.74 30.04
CA GLY F 24 9.51 -7.09 29.91
C GLY F 24 10.44 -7.91 29.05
N LEU F 25 11.66 -7.43 28.95
CA LEU F 25 12.69 -8.13 28.20
C LEU F 25 13.28 -9.24 29.06
N ASP F 26 14.18 -10.02 28.47
CA ASP F 26 14.86 -11.07 29.20
C ASP F 26 15.90 -10.49 30.14
N GLY F 27 16.00 -11.06 31.33
CA GLY F 27 16.96 -10.61 32.31
C GLY F 27 16.48 -9.50 33.21
N ALA F 28 15.25 -9.04 33.03
CA ALA F 28 14.73 -7.89 33.74
C ALA F 28 14.54 -8.13 35.24
N GLY F 29 13.87 -9.21 35.63
CA GLY F 29 13.56 -9.42 37.03
C GLY F 29 12.12 -9.77 37.32
N LYS F 30 11.39 -10.27 36.32
CA LYS F 30 9.97 -10.51 36.49
C LYS F 30 9.71 -11.65 37.47
N THR F 31 10.31 -12.81 37.24
CA THR F 31 10.13 -13.97 38.10
C THR F 31 10.60 -13.67 39.52
N THR F 32 11.74 -13.01 39.63
CA THR F 32 12.26 -12.64 40.94
C THR F 32 11.31 -11.72 41.69
N VAL F 33 10.76 -10.72 41.01
CA VAL F 33 9.78 -9.85 41.63
C VAL F 33 8.57 -10.65 42.10
N LEU F 34 8.08 -11.55 41.25
CA LEU F 34 6.87 -12.28 41.57
C LEU F 34 7.07 -13.14 42.80
N TYR F 35 8.17 -13.88 42.85
CA TYR F 35 8.42 -14.78 43.97
C TYR F 35 9.12 -14.09 45.14
N LYS F 36 9.37 -12.79 45.03
CA LYS F 36 9.66 -11.98 46.20
C LYS F 36 8.39 -11.44 46.84
N LEU F 37 7.38 -11.15 46.03
CA LEU F 37 6.07 -10.78 46.55
C LEU F 37 5.33 -11.96 47.15
N LYS F 38 5.37 -13.11 46.51
CA LYS F 38 4.61 -14.29 46.93
C LYS F 38 5.23 -15.04 48.10
N LEU F 39 6.55 -15.28 48.08
CA LEU F 39 7.21 -16.05 49.12
C LEU F 39 7.95 -15.18 50.12
N GLY F 40 8.55 -14.10 49.68
CA GLY F 40 9.38 -13.25 50.51
C GLY F 40 10.85 -13.55 50.43
N GLU F 41 11.24 -14.55 49.64
CA GLU F 41 12.64 -14.94 49.51
C GLU F 41 13.06 -14.83 48.05
N VAL F 42 14.37 -14.65 47.87
CA VAL F 42 14.97 -14.57 46.54
C VAL F 42 15.33 -15.97 46.07
N ILE F 43 14.60 -16.46 45.08
CA ILE F 43 14.82 -17.80 44.57
C ILE F 43 15.83 -17.75 43.43
N THR F 44 16.50 -18.88 43.22
CA THR F 44 17.27 -19.08 42.01
C THR F 44 16.30 -19.24 40.85
N THR F 45 16.74 -18.89 39.66
CA THR F 45 15.83 -18.76 38.53
C THR F 45 16.36 -19.49 37.31
N ILE F 46 15.41 -19.92 36.48
CA ILE F 46 15.71 -20.48 35.18
C ILE F 46 14.96 -19.64 34.16
N PRO F 47 15.43 -19.56 32.92
CA PRO F 47 14.67 -18.83 31.92
C PRO F 47 13.24 -19.30 31.80
N THR F 48 12.32 -18.35 31.67
CA THR F 48 10.89 -18.64 31.66
C THR F 48 10.45 -18.92 30.23
N ILE F 49 10.31 -20.19 29.90
CA ILE F 49 9.88 -20.63 28.58
C ILE F 49 8.37 -20.58 28.50
N GLY F 50 7.71 -21.00 29.56
CA GLY F 50 6.27 -20.99 29.58
C GLY F 50 5.68 -19.78 30.26
N PHE F 51 5.08 -20.01 31.42
CA PHE F 51 4.51 -18.92 32.19
C PHE F 51 4.35 -19.38 33.64
N ASN F 52 4.41 -18.41 34.55
CA ASN F 52 4.11 -18.62 35.95
C ASN F 52 2.93 -17.76 36.35
N VAL F 53 2.12 -18.25 37.26
CA VAL F 53 0.94 -17.54 37.71
C VAL F 53 0.83 -17.70 39.22
N GLU F 54 0.63 -16.59 39.92
CA GLU F 54 0.59 -16.63 41.37
C GLU F 54 -0.31 -15.53 41.91
N THR F 55 -1.05 -15.86 42.95
CA THR F 55 -1.93 -14.92 43.62
C THR F 55 -1.25 -14.41 44.89
N VAL F 56 -1.28 -13.10 45.09
CA VAL F 56 -0.68 -12.45 46.24
C VAL F 56 -1.71 -11.51 46.84
N GLN F 57 -1.86 -11.54 48.15
CA GLN F 57 -2.87 -10.73 48.87
C GLN F 57 -2.21 -9.51 49.47
N TYR F 58 -2.88 -8.37 49.47
CA TYR F 58 -2.36 -7.09 49.95
C TYR F 58 -3.50 -6.09 49.98
N LYS F 59 -3.68 -5.43 51.12
CA LYS F 59 -4.72 -4.41 51.29
C LYS F 59 -6.11 -4.96 51.01
N ASN F 60 -6.37 -6.19 51.41
CA ASN F 60 -7.63 -6.88 51.15
C ASN F 60 -7.91 -7.04 49.67
N ILE F 61 -6.86 -7.12 48.86
CA ILE F 61 -6.98 -7.31 47.42
C ILE F 61 -6.11 -8.50 47.03
N SER F 62 -6.60 -9.31 46.10
CA SER F 62 -5.92 -10.52 45.68
C SER F 62 -5.49 -10.34 44.24
N PHE F 63 -4.25 -9.91 44.04
CA PHE F 63 -3.68 -9.74 42.71
C PHE F 63 -3.30 -11.11 42.17
N THR F 64 -3.66 -11.36 40.91
CA THR F 64 -3.31 -12.60 40.23
C THR F 64 -2.33 -12.26 39.12
N VAL F 65 -1.04 -12.49 39.38
CA VAL F 65 0.02 -12.03 38.50
C VAL F 65 0.42 -13.17 37.57
N TRP F 66 0.61 -12.83 36.29
CA TRP F 66 1.06 -13.75 35.26
C TRP F 66 2.42 -13.28 34.76
N ASP F 67 3.47 -13.97 35.15
CA ASP F 67 4.81 -13.71 34.65
C ASP F 67 5.07 -14.59 33.44
N VAL F 68 5.66 -14.01 32.41
CA VAL F 68 5.82 -14.62 31.11
C VAL F 68 7.27 -14.46 30.65
N GLY F 69 7.59 -15.13 29.55
CA GLY F 69 8.94 -15.07 29.04
C GLY F 69 9.21 -13.81 28.25
N GLY F 70 10.49 -13.47 28.19
CA GLY F 70 10.93 -12.29 27.47
C GLY F 70 11.82 -12.60 26.30
N GLN F 71 12.21 -13.88 26.16
CA GLN F 71 12.98 -14.28 24.99
C GLN F 71 12.23 -13.88 23.73
N ASP F 72 13.00 -13.62 22.67
CA ASP F 72 12.40 -13.13 21.44
C ASP F 72 11.33 -14.08 20.92
N ARG F 73 11.46 -15.37 21.21
CA ARG F 73 10.52 -16.35 20.70
C ARG F 73 9.21 -16.38 21.48
N ILE F 74 9.19 -15.92 22.72
CA ILE F 74 7.99 -15.90 23.53
C ILE F 74 7.31 -14.54 23.53
N ARG F 75 8.03 -13.47 23.16
CA ARG F 75 7.41 -12.16 23.06
C ARG F 75 6.25 -12.13 22.08
N SER F 76 6.16 -13.12 21.20
CA SER F 76 5.06 -13.21 20.25
C SER F 76 3.87 -14.00 20.79
N LEU F 77 3.98 -14.56 21.98
CA LEU F 77 2.91 -15.31 22.61
C LEU F 77 2.25 -14.54 23.74
N TRP F 78 2.68 -13.30 23.98
CA TRP F 78 2.06 -12.51 25.05
C TRP F 78 0.61 -12.18 24.73
N ARG F 79 0.24 -12.16 23.44
CA ARG F 79 -1.11 -11.77 23.06
C ARG F 79 -2.17 -12.66 23.68
N HIS F 80 -1.85 -13.93 23.93
CA HIS F 80 -2.81 -14.83 24.54
C HIS F 80 -3.26 -14.36 25.91
N TYR F 81 -2.50 -13.46 26.54
CA TYR F 81 -2.78 -13.03 27.90
C TYR F 81 -3.33 -11.61 28.00
N TYR F 82 -3.31 -10.84 26.92
CA TYR F 82 -3.78 -9.47 26.99
C TYR F 82 -5.23 -9.37 27.45
N ARG F 83 -6.03 -10.38 27.11
CA ARG F 83 -7.47 -10.29 27.36
C ARG F 83 -7.78 -10.33 28.86
N ASN F 84 -8.73 -9.50 29.27
CA ASN F 84 -9.20 -9.45 30.65
C ASN F 84 -8.08 -9.06 31.60
N THR F 85 -7.10 -8.33 31.12
CA THR F 85 -5.99 -7.88 31.94
C THR F 85 -6.25 -6.46 32.41
N GLU F 86 -6.23 -6.26 33.72
CA GLU F 86 -6.58 -5.00 34.33
C GLU F 86 -5.37 -4.14 34.64
N GLY F 87 -4.21 -4.75 34.80
CA GLY F 87 -2.98 -4.00 34.99
C GLY F 87 -1.81 -4.67 34.33
N VAL F 88 -0.81 -3.87 34.00
CA VAL F 88 0.41 -4.35 33.39
C VAL F 88 1.60 -3.80 34.16
N ILE F 89 2.61 -4.62 34.32
CA ILE F 89 3.84 -4.28 35.01
C ILE F 89 4.99 -4.55 34.06
N PHE F 90 5.57 -3.49 33.54
CA PHE F 90 6.70 -3.59 32.63
C PHE F 90 7.97 -3.45 33.44
N VAL F 91 8.75 -4.50 33.49
CA VAL F 91 10.00 -4.50 34.24
C VAL F 91 11.14 -4.21 33.27
N VAL F 92 12.00 -3.26 33.62
CA VAL F 92 13.13 -2.89 32.79
C VAL F 92 14.40 -2.95 33.63
N ASP F 93 15.42 -3.59 33.10
CA ASP F 93 16.73 -3.61 33.71
C ASP F 93 17.41 -2.27 33.49
N SER F 94 17.77 -1.61 34.58
CA SER F 94 18.39 -0.29 34.48
C SER F 94 19.85 -0.40 34.09
N ASN F 95 20.55 -1.42 34.60
CA ASN F 95 21.95 -1.60 34.24
C ASN F 95 22.11 -1.83 32.74
N ASP F 96 21.14 -2.51 32.13
CA ASP F 96 21.17 -2.76 30.70
C ASP F 96 20.80 -1.50 29.94
N ARG F 97 21.78 -0.63 29.70
CA ARG F 97 21.54 0.64 29.03
C ARG F 97 21.63 0.50 27.52
N SER F 98 21.98 -0.68 27.03
CA SER F 98 22.09 -0.94 25.60
C SER F 98 20.82 -1.50 24.98
N ARG F 99 19.86 -1.95 25.80
CA ARG F 99 18.62 -2.52 25.30
C ARG F 99 17.42 -1.67 25.68
N ILE F 100 17.66 -0.44 26.15
CA ILE F 100 16.56 0.46 26.50
C ILE F 100 15.76 0.90 25.29
N GLY F 101 16.31 0.76 24.09
CA GLY F 101 15.57 1.08 22.89
C GLY F 101 14.66 -0.04 22.45
N GLU F 102 15.12 -1.28 22.62
CA GLU F 102 14.28 -2.44 22.35
C GLU F 102 13.06 -2.49 23.24
N ALA F 103 13.23 -2.21 24.53
CA ALA F 103 12.13 -2.10 25.46
C ALA F 103 11.15 -1.01 25.07
N ARG F 104 11.66 0.12 24.60
CA ARG F 104 10.78 1.18 24.11
C ARG F 104 9.96 0.72 22.93
N GLU F 105 10.57 -0.01 21.98
CA GLU F 105 9.83 -0.57 20.86
C GLU F 105 8.72 -1.50 21.37
N VAL F 106 9.08 -2.42 22.26
CA VAL F 106 8.11 -3.39 22.73
C VAL F 106 6.95 -2.69 23.43
N MET F 107 7.24 -1.68 24.24
CA MET F 107 6.20 -1.03 25.02
C MET F 107 5.32 -0.16 24.14
N GLN F 108 5.91 0.53 23.16
CA GLN F 108 5.09 1.33 22.26
C GLN F 108 4.25 0.44 21.35
N ARG F 109 4.71 -0.77 21.06
CA ARG F 109 3.87 -1.70 20.31
C ARG F 109 2.73 -2.21 21.16
N MET F 110 2.99 -2.53 22.42
CA MET F 110 1.96 -3.13 23.27
C MET F 110 1.00 -2.10 23.84
N LEU F 111 1.35 -0.82 23.80
CA LEU F 111 0.41 0.24 24.16
C LEU F 111 -0.62 0.51 23.07
N ASN F 112 -0.38 0.06 21.84
CA ASN F 112 -1.29 0.30 20.73
C ASN F 112 -2.29 -0.82 20.55
N GLU F 113 -2.16 -1.91 21.30
CA GLU F 113 -3.11 -3.00 21.24
C GLU F 113 -4.42 -2.61 21.89
N ASP F 114 -5.52 -3.05 21.31
CA ASP F 114 -6.85 -2.66 21.74
C ASP F 114 -7.38 -3.51 22.90
N GLU F 115 -6.79 -4.68 23.15
CA GLU F 115 -7.19 -5.49 24.29
C GLU F 115 -6.68 -4.90 25.60
N LEU F 116 -5.59 -4.15 25.54
CA LEU F 116 -5.03 -3.50 26.72
C LEU F 116 -5.42 -2.02 26.77
N ARG F 117 -6.59 -1.73 26.25
CA ARG F 117 -7.01 -0.34 26.06
C ARG F 117 -7.25 0.42 27.35
N ASN F 118 -7.71 -0.26 28.40
CA ASN F 118 -8.00 0.37 29.68
C ASN F 118 -6.98 0.01 30.75
N ALA F 119 -6.04 -0.88 30.43
CA ALA F 119 -5.09 -1.37 31.40
C ALA F 119 -4.27 -0.23 32.00
N ALA F 120 -4.04 -0.32 33.30
CA ALA F 120 -3.14 0.56 34.02
C ALA F 120 -1.71 0.14 33.75
N TRP F 121 -0.82 1.12 33.69
CA TRP F 121 0.58 0.90 33.35
C TRP F 121 1.44 1.18 34.56
N LEU F 122 2.25 0.22 34.95
CA LEU F 122 3.26 0.40 35.98
C LEU F 122 4.58 -0.06 35.43
N VAL F 123 5.65 0.63 35.81
CA VAL F 123 6.98 0.36 35.30
C VAL F 123 7.91 0.15 36.47
N PHE F 124 8.47 -1.04 36.57
CA PHE F 124 9.46 -1.36 37.59
C PHE F 124 10.84 -1.20 36.95
N ALA F 125 11.51 -0.11 37.29
CA ALA F 125 12.89 0.10 36.92
C ALA F 125 13.76 -0.66 37.91
N ASN F 126 14.07 -1.90 37.58
CA ASN F 126 14.70 -2.80 38.54
C ASN F 126 16.21 -2.73 38.45
N LYS F 127 16.87 -3.38 39.40
CA LYS F 127 18.32 -3.42 39.49
C LYS F 127 18.89 -2.04 39.79
N GLN F 128 18.28 -1.35 40.74
CA GLN F 128 18.80 -0.08 41.23
C GLN F 128 19.92 -0.25 42.22
N ASP F 129 20.12 -1.46 42.77
CA ASP F 129 21.23 -1.69 43.68
C ASP F 129 22.58 -1.68 42.97
N LEU F 130 22.59 -1.82 41.66
CA LEU F 130 23.83 -1.84 40.91
C LEU F 130 24.38 -0.41 40.76
N PRO F 131 25.71 -0.23 40.79
CA PRO F 131 26.24 1.14 40.78
C PRO F 131 25.94 1.90 39.51
N GLU F 132 25.98 1.23 38.37
CA GLU F 132 25.77 1.85 37.06
C GLU F 132 24.29 2.02 36.73
N ALA F 133 23.40 1.79 37.69
CA ALA F 133 21.99 1.87 37.39
C ALA F 133 21.62 3.30 37.01
N MET F 134 20.57 3.40 36.20
CA MET F 134 20.09 4.66 35.65
C MET F 134 18.82 5.08 36.36
N SER F 135 18.68 6.38 36.59
CA SER F 135 17.60 6.89 37.42
C SER F 135 16.25 6.64 36.76
N ALA F 136 15.21 6.71 37.59
CA ALA F 136 13.85 6.54 37.08
C ALA F 136 13.43 7.66 36.14
N ALA F 137 14.01 8.85 36.30
CA ALA F 137 13.71 9.95 35.40
C ALA F 137 14.41 9.78 34.06
N GLU F 138 15.65 9.31 34.08
CA GLU F 138 16.33 8.99 32.84
C GLU F 138 15.59 7.91 32.07
N ILE F 139 15.02 6.93 32.78
CA ILE F 139 14.22 5.91 32.12
C ILE F 139 12.89 6.48 31.64
N THR F 140 12.28 7.34 32.44
CA THR F 140 11.04 7.98 32.03
C THR F 140 11.24 8.79 30.76
N GLU F 141 12.43 9.35 30.58
CA GLU F 141 12.72 10.09 29.36
C GLU F 141 13.03 9.15 28.21
N LYS F 142 13.83 8.10 28.47
CA LYS F 142 14.23 7.19 27.40
C LYS F 142 13.07 6.35 26.90
N LEU F 143 12.13 6.00 27.77
CA LEU F 143 10.99 5.18 27.37
C LEU F 143 9.85 5.97 26.76
N GLY F 144 9.91 7.30 26.79
CA GLY F 144 8.82 8.11 26.26
C GLY F 144 7.52 7.87 26.98
N LEU F 145 7.56 8.00 28.30
CA LEU F 145 6.39 7.70 29.12
C LEU F 145 5.46 8.89 29.23
N HIS F 146 5.97 10.11 29.14
CA HIS F 146 5.11 11.28 29.15
C HIS F 146 4.24 11.35 27.91
N SER F 147 4.62 10.66 26.84
CA SER F 147 3.81 10.58 25.63
C SER F 147 2.53 9.79 25.83
N ILE F 148 2.34 9.18 26.99
CA ILE F 148 1.16 8.36 27.25
C ILE F 148 0.02 9.28 27.63
N ARG F 149 -1.13 9.09 26.97
CA ARG F 149 -2.26 10.01 27.10
C ARG F 149 -3.58 9.30 27.26
N ASN F 150 -3.68 8.04 26.83
CA ASN F 150 -4.94 7.30 26.88
C ASN F 150 -5.00 6.38 28.09
N ARG F 151 -4.08 6.55 29.03
CA ARG F 151 -3.78 5.52 30.01
C ARG F 151 -3.22 6.18 31.25
N PRO F 152 -3.55 5.67 32.44
CA PRO F 152 -2.77 6.02 33.64
C PRO F 152 -1.45 5.29 33.66
N TRP F 153 -0.42 5.92 34.22
CA TRP F 153 0.90 5.32 34.26
C TRP F 153 1.67 5.80 35.48
N PHE F 154 2.72 5.05 35.81
CA PHE F 154 3.50 5.27 37.01
C PHE F 154 4.79 4.48 36.89
N ILE F 155 5.86 5.03 37.46
CA ILE F 155 7.18 4.42 37.42
C ILE F 155 7.77 4.41 38.82
N GLN F 156 8.28 3.25 39.23
CA GLN F 156 8.82 3.04 40.55
C GLN F 156 10.18 2.39 40.44
N ALA F 157 11.09 2.80 41.32
CA ALA F 157 12.44 2.25 41.36
C ALA F 157 12.52 1.14 42.39
N THR F 158 13.05 -0.01 41.98
CA THR F 158 12.95 -1.22 42.76
C THR F 158 14.31 -1.88 42.95
N CYS F 159 14.29 -2.98 43.68
CA CYS F 159 15.43 -3.88 43.94
C CYS F 159 14.80 -5.17 44.46
N ALA F 160 14.40 -6.03 43.52
CA ALA F 160 13.68 -7.24 43.88
C ALA F 160 14.47 -8.10 44.86
N THR F 161 15.79 -8.03 44.84
CA THR F 161 16.58 -8.80 45.78
C THR F 161 16.38 -8.32 47.20
N SER F 162 16.08 -7.04 47.40
CA SER F 162 15.85 -6.47 48.71
C SER F 162 14.38 -6.12 48.97
N GLY F 163 13.52 -6.24 47.97
CA GLY F 163 12.11 -5.94 48.13
C GLY F 163 11.76 -4.48 48.06
N GLU F 164 12.73 -3.59 47.90
CA GLU F 164 12.44 -2.16 47.86
C GLU F 164 11.59 -1.81 46.65
N GLY F 165 10.55 -1.02 46.88
CA GLY F 165 9.73 -0.49 45.81
C GLY F 165 8.72 -1.45 45.24
N LEU F 166 8.65 -2.68 45.74
CA LEU F 166 7.72 -3.68 45.23
C LEU F 166 6.33 -3.56 45.81
N TYR F 167 6.20 -3.35 47.10
CA TYR F 167 4.92 -3.14 47.74
C TYR F 167 4.37 -1.74 47.52
N GLU F 168 5.16 -0.84 46.95
CA GLU F 168 4.71 0.48 46.55
C GLU F 168 4.15 0.50 45.13
N GLY F 169 4.30 -0.58 44.39
CA GLY F 169 3.68 -0.71 43.09
C GLY F 169 2.31 -1.32 43.16
N LEU F 170 2.17 -2.40 43.93
CA LEU F 170 0.86 -2.94 44.23
C LEU F 170 -0.03 -1.95 44.94
N GLU F 171 0.54 -1.05 45.71
CA GLU F 171 -0.20 0.02 46.35
C GLU F 171 -0.78 0.99 45.33
N TRP F 172 -0.03 1.31 44.27
CA TRP F 172 -0.53 2.19 43.23
C TRP F 172 -1.57 1.50 42.37
N LEU F 173 -1.37 0.23 42.05
CA LEU F 173 -2.33 -0.54 41.29
C LEU F 173 -3.68 -0.60 41.95
N SER F 174 -3.74 -0.50 43.27
CA SER F 174 -5.00 -0.42 43.99
C SER F 174 -5.82 0.81 43.64
N ASN F 175 -5.17 1.92 43.27
CA ASN F 175 -5.89 3.10 42.85
C ASN F 175 -6.85 2.81 41.70
N SER F 176 -6.49 1.88 40.82
CA SER F 176 -7.26 1.57 39.62
C SER F 176 -8.12 0.33 39.82
N LEU F 177 -8.57 0.10 41.04
CA LEU F 177 -9.41 -1.06 41.32
C LEU F 177 -10.79 -0.88 40.69
N LYS F 178 -11.43 -2.01 40.42
CA LYS F 178 -12.76 -2.05 39.80
C LYS F 178 -12.88 -1.06 38.65
N LYS G 16 -5.90 -27.98 30.64
CA LYS G 16 -6.60 -29.15 31.15
C LYS G 16 -6.41 -30.32 30.21
N GLU G 17 -6.32 -30.02 28.92
CA GLU G 17 -6.09 -31.04 27.90
C GLU G 17 -5.37 -30.41 26.72
N MET G 18 -4.72 -31.26 25.94
CA MET G 18 -3.98 -30.81 24.78
C MET G 18 -3.60 -32.03 23.96
N ARG G 19 -3.64 -31.89 22.64
CA ARG G 19 -3.28 -32.96 21.73
C ARG G 19 -2.04 -32.60 20.94
N ILE G 20 -1.15 -33.57 20.81
CA ILE G 20 0.18 -33.37 20.25
C ILE G 20 0.43 -34.45 19.23
N LEU G 21 1.25 -34.12 18.24
CA LEU G 21 1.66 -35.08 17.21
C LEU G 21 3.17 -35.00 17.09
N MET G 22 3.86 -36.06 17.49
CA MET G 22 5.30 -36.14 17.36
C MET G 22 5.64 -36.82 16.04
N VAL G 23 6.46 -36.16 15.25
CA VAL G 23 6.79 -36.64 13.91
C VAL G 23 8.24 -36.30 13.62
N GLY G 24 8.71 -36.79 12.49
CA GLY G 24 10.09 -36.64 12.12
C GLY G 24 10.49 -37.77 11.21
N LEU G 25 11.78 -37.78 10.88
CA LEU G 25 12.34 -38.83 10.06
C LEU G 25 12.64 -40.06 10.92
N ASP G 26 13.09 -41.13 10.28
CA ASP G 26 13.46 -42.34 10.99
C ASP G 26 14.79 -42.15 11.71
N GLY G 27 14.87 -42.67 12.93
CA GLY G 27 16.08 -42.57 13.71
C GLY G 27 16.19 -41.34 14.56
N ALA G 28 15.19 -40.47 14.52
CA ALA G 28 15.24 -39.18 15.21
C ALA G 28 15.24 -39.29 16.72
N GLY G 29 14.31 -40.03 17.31
CA GLY G 29 14.19 -40.07 18.75
C GLY G 29 12.79 -39.86 19.27
N LYS G 30 11.77 -40.08 18.44
CA LYS G 30 10.41 -39.78 18.85
C LYS G 30 9.92 -40.72 19.95
N THR G 31 10.02 -42.02 19.74
CA THR G 31 9.60 -43.01 20.72
C THR G 31 10.37 -42.86 22.02
N THR G 32 11.68 -42.65 21.91
CA THR G 32 12.51 -42.46 23.08
C THR G 32 12.09 -41.24 23.88
N VAL G 33 11.82 -40.13 23.20
CA VAL G 33 11.33 -38.93 23.87
C VAL G 33 10.02 -39.22 24.58
N LEU G 34 9.10 -39.90 23.90
CA LEU G 34 7.78 -40.14 24.47
C LEU G 34 7.87 -40.98 25.73
N TYR G 35 8.63 -42.06 25.68
CA TYR G 35 8.73 -42.95 26.83
C TYR G 35 9.82 -42.53 27.81
N LYS G 36 10.49 -41.41 27.55
CA LYS G 36 11.24 -40.73 28.58
C LYS G 36 10.38 -39.74 29.35
N LEU G 37 9.42 -39.12 28.67
CA LEU G 37 8.44 -38.29 29.34
C LEU G 37 7.44 -39.09 30.16
N LYS G 38 6.95 -40.20 29.63
CA LYS G 38 5.90 -41.00 30.26
C LYS G 38 6.41 -41.89 31.38
N LEU G 39 7.52 -42.60 31.19
CA LEU G 39 8.04 -43.52 32.19
C LEU G 39 9.19 -42.95 32.99
N GLY G 40 10.06 -42.17 32.36
CA GLY G 40 11.26 -41.67 33.00
C GLY G 40 12.49 -42.50 32.73
N GLU G 41 12.37 -43.59 31.98
CA GLU G 41 13.48 -44.47 31.67
C GLU G 41 13.68 -44.57 30.17
N VAL G 42 14.90 -44.89 29.78
CA VAL G 42 15.26 -45.07 28.39
C VAL G 42 15.01 -46.52 27.99
N ILE G 43 14.00 -46.74 27.16
CA ILE G 43 13.62 -48.09 26.75
C ILE G 43 14.38 -48.44 25.48
N THR G 44 14.56 -49.74 25.28
CA THR G 44 14.98 -50.26 24.00
C THR G 44 13.84 -50.08 23.01
N THR G 45 14.17 -49.96 21.74
CA THR G 45 13.19 -49.54 20.75
C THR G 45 13.21 -50.45 19.53
N ILE G 46 12.05 -50.53 18.90
CA ILE G 46 11.89 -51.20 17.62
C ILE G 46 11.34 -50.18 16.65
N PRO G 47 11.58 -50.31 15.36
CA PRO G 47 10.97 -49.39 14.41
C PRO G 47 9.47 -49.31 14.54
N THR G 48 8.94 -48.09 14.46
CA THR G 48 7.54 -47.83 14.68
C THR G 48 6.78 -47.98 13.37
N ILE G 49 6.15 -49.12 13.19
CA ILE G 49 5.38 -49.42 11.99
C ILE G 49 3.99 -48.82 12.13
N GLY G 50 3.41 -48.93 13.30
CA GLY G 50 2.09 -48.39 13.53
C GLY G 50 2.10 -47.03 14.18
N PHE G 51 1.67 -46.98 15.44
CA PHE G 51 1.66 -45.74 16.19
C PHE G 51 1.59 -46.05 17.66
N ASN G 52 2.14 -45.16 18.47
CA ASN G 52 2.04 -45.20 19.91
C ASN G 52 1.33 -43.94 20.39
N VAL G 53 0.57 -44.08 21.46
CA VAL G 53 -0.20 -42.97 22.02
C VAL G 53 -0.10 -43.03 23.52
N GLU G 54 0.23 -41.90 24.13
CA GLU G 54 0.43 -41.88 25.58
C GLU G 54 0.09 -40.51 26.14
N THR G 55 -0.53 -40.51 27.31
CA THR G 55 -0.90 -39.29 28.01
C THR G 55 0.13 -39.03 29.11
N VAL G 56 0.61 -37.79 29.20
CA VAL G 56 1.59 -37.37 30.19
C VAL G 56 1.07 -36.10 30.84
N GLN G 57 1.11 -36.03 32.16
CA GLN G 57 0.61 -34.85 32.90
C GLN G 57 1.77 -33.97 33.31
N TYR G 58 1.58 -32.66 33.32
CA TYR G 58 2.59 -31.65 33.60
C TYR G 58 1.89 -30.31 33.70
N LYS G 59 2.16 -29.59 34.79
CA LYS G 59 1.60 -28.25 35.01
C LYS G 59 0.08 -28.26 34.99
N ASN G 60 -0.54 -29.30 35.54
CA ASN G 60 -1.99 -29.48 35.54
C ASN G 60 -2.55 -29.59 34.12
N ILE G 61 -1.75 -30.07 33.18
CA ILE G 61 -2.16 -30.25 31.79
C ILE G 61 -1.86 -31.68 31.39
N SER G 62 -2.76 -32.28 30.63
CA SER G 62 -2.63 -33.68 30.22
C SER G 62 -2.42 -33.71 28.72
N PHE G 63 -1.16 -33.77 28.31
CA PHE G 63 -0.80 -33.86 26.89
C PHE G 63 -1.04 -35.29 26.43
N THR G 64 -1.67 -35.44 25.27
CA THR G 64 -1.90 -36.74 24.66
C THR G 64 -1.06 -36.82 23.39
N VAL G 65 0.07 -37.49 23.48
CA VAL G 65 1.06 -37.49 22.42
C VAL G 65 0.86 -38.72 21.55
N TRP G 66 0.94 -38.52 20.23
CA TRP G 66 0.86 -39.57 19.23
C TRP G 66 2.18 -39.64 18.49
N ASP G 67 2.97 -40.67 18.79
CA ASP G 67 4.22 -40.93 18.08
C ASP G 67 3.93 -41.88 16.93
N VAL G 68 4.51 -41.58 15.77
CA VAL G 68 4.21 -42.27 14.52
C VAL G 68 5.52 -42.65 13.85
N GLY G 69 5.40 -43.43 12.78
CA GLY G 69 6.56 -43.89 12.07
C GLY G 69 7.14 -42.84 11.14
N GLY G 70 8.42 -42.99 10.85
CA GLY G 70 9.12 -42.07 9.98
C GLY G 70 9.63 -42.74 8.73
N GLN G 71 9.51 -44.06 8.65
CA GLN G 71 9.87 -44.76 7.42
C GLN G 71 9.12 -44.16 6.25
N ASP G 72 9.73 -44.23 5.07
CA ASP G 72 9.16 -43.59 3.90
C ASP G 72 7.75 -44.10 3.63
N ARG G 73 7.45 -45.33 4.01
CA ARG G 73 6.14 -45.92 3.75
C ARG G 73 5.06 -45.44 4.70
N ILE G 74 5.43 -44.97 5.89
CA ILE G 74 4.46 -44.47 6.86
C ILE G 74 4.33 -42.97 6.82
N ARG G 75 5.30 -42.25 6.27
CA ARG G 75 5.18 -40.81 6.14
C ARG G 75 3.97 -40.39 5.34
N SER G 76 3.37 -41.30 4.57
CA SER G 76 2.17 -41.01 3.81
C SER G 76 0.89 -41.29 4.58
N LEU G 77 1.00 -41.82 5.80
CA LEU G 77 -0.15 -42.09 6.64
C LEU G 77 -0.29 -41.10 7.78
N TRP G 78 0.59 -40.11 7.85
CA TRP G 78 0.48 -39.11 8.90
C TRP G 78 -0.79 -38.28 8.78
N ARG G 79 -1.34 -38.17 7.57
CA ARG G 79 -2.49 -37.31 7.35
C ARG G 79 -3.69 -37.74 8.19
N HIS G 80 -3.81 -39.03 8.51
CA HIS G 80 -4.90 -39.50 9.34
C HIS G 80 -4.92 -38.84 10.70
N TYR G 81 -3.79 -38.28 11.14
CA TYR G 81 -3.67 -37.73 12.48
C TYR G 81 -3.65 -36.20 12.53
N TYR G 82 -3.53 -35.52 11.39
CA TYR G 82 -3.47 -34.07 11.39
C TYR G 82 -4.69 -33.44 12.05
N ARG G 83 -5.84 -34.09 11.94
CA ARG G 83 -7.09 -33.47 12.39
C ARG G 83 -7.13 -33.34 13.90
N ASN G 84 -7.64 -32.22 14.37
CA ASN G 84 -7.81 -31.95 15.79
C ASN G 84 -6.49 -31.97 16.54
N THR G 85 -5.41 -31.66 15.85
CA THR G 85 -4.08 -31.64 16.45
C THR G 85 -3.74 -30.20 16.82
N GLU G 86 -3.43 -29.98 18.11
CA GLU G 86 -3.21 -28.65 18.63
C GLU G 86 -1.73 -28.29 18.69
N GLY G 87 -0.85 -29.28 18.73
CA GLY G 87 0.57 -29.02 18.66
C GLY G 87 1.30 -30.11 17.90
N VAL G 88 2.44 -29.73 17.36
CA VAL G 88 3.30 -30.65 16.62
C VAL G 88 4.72 -30.54 17.15
N ILE G 89 5.38 -31.69 17.24
CA ILE G 89 6.75 -31.80 17.71
C ILE G 89 7.54 -32.50 16.63
N PHE G 90 8.36 -31.74 15.93
CA PHE G 90 9.21 -32.27 14.88
C PHE G 90 10.57 -32.58 15.49
N VAL G 91 10.92 -33.85 15.52
CA VAL G 91 12.20 -34.29 16.06
C VAL G 91 13.18 -34.46 14.92
N VAL G 92 14.37 -33.88 15.05
CA VAL G 92 15.40 -33.98 14.03
C VAL G 92 16.68 -34.46 14.68
N ASP G 93 17.31 -35.46 14.07
CA ASP G 93 18.60 -35.94 14.49
C ASP G 93 19.67 -34.95 14.05
N SER G 94 20.42 -34.44 15.01
CA SER G 94 21.44 -33.44 14.70
C SER G 94 22.69 -34.09 14.12
N ASN G 95 23.05 -35.28 14.60
CA ASN G 95 24.21 -35.97 14.06
C ASN G 95 24.01 -36.30 12.58
N ASP G 96 22.78 -36.58 12.18
CA ASP G 96 22.48 -36.88 10.79
C ASP G 96 22.45 -35.59 9.98
N ARG G 97 23.63 -35.15 9.52
CA ARG G 97 23.74 -33.91 8.78
C ARG G 97 23.52 -34.11 7.29
N SER G 98 23.34 -35.35 6.86
CA SER G 98 23.11 -35.69 5.46
C SER G 98 21.64 -35.75 5.09
N ARG G 99 20.73 -35.80 6.07
CA ARG G 99 19.31 -35.88 5.82
C ARG G 99 18.57 -34.64 6.30
N ILE G 100 19.30 -33.58 6.62
CA ILE G 100 18.68 -32.32 7.04
C ILE G 100 17.90 -31.66 5.93
N GLY G 101 18.15 -32.03 4.67
CA GLY G 101 17.37 -31.50 3.56
C GLY G 101 16.07 -32.21 3.37
N GLU G 102 16.08 -33.53 3.59
CA GLU G 102 14.85 -34.31 3.54
C GLU G 102 13.86 -33.88 4.61
N ALA G 103 14.34 -33.65 5.83
CA ALA G 103 13.51 -33.11 6.89
C ALA G 103 12.95 -31.75 6.56
N ARG G 104 13.74 -30.90 5.91
CA ARG G 104 13.22 -29.61 5.45
C ARG G 104 12.10 -29.78 4.46
N GLU G 105 12.24 -30.71 3.51
CA GLU G 105 11.17 -30.98 2.57
C GLU G 105 9.91 -31.43 3.29
N VAL G 106 10.06 -32.39 4.21
CA VAL G 106 8.90 -32.92 4.92
C VAL G 106 8.20 -31.82 5.70
N MET G 107 8.97 -30.97 6.37
CA MET G 107 8.38 -29.96 7.22
C MET G 107 7.73 -28.85 6.41
N GLN G 108 8.35 -28.46 5.30
CA GLN G 108 7.73 -27.45 4.45
C GLN G 108 6.49 -27.98 3.76
N ARG G 109 6.42 -29.29 3.53
CA ARG G 109 5.21 -29.87 3.00
C ARG G 109 4.11 -29.90 4.05
N MET G 110 4.46 -30.25 5.28
CA MET G 110 3.44 -30.41 6.31
C MET G 110 3.02 -29.08 6.93
N LEU G 111 3.79 -28.02 6.72
CA LEU G 111 3.36 -26.68 7.10
C LEU G 111 2.33 -26.09 6.17
N ASN G 112 2.19 -26.63 4.96
CA ASN G 112 1.25 -26.10 3.97
C ASN G 112 -0.11 -26.79 4.04
N GLU G 113 -0.25 -27.82 4.86
CA GLU G 113 -1.53 -28.49 5.04
C GLU G 113 -2.47 -27.62 5.85
N ASP G 114 -3.75 -27.66 5.47
CA ASP G 114 -4.75 -26.79 6.07
C ASP G 114 -5.34 -27.35 7.35
N GLU G 115 -5.17 -28.64 7.62
CA GLU G 115 -5.64 -29.21 8.88
C GLU G 115 -4.74 -28.81 10.04
N LEU G 116 -3.48 -28.50 9.75
CA LEU G 116 -2.53 -28.08 10.77
C LEU G 116 -2.35 -26.56 10.75
N ARG G 117 -3.41 -25.87 10.37
CA ARG G 117 -3.35 -24.43 10.12
C ARG G 117 -3.06 -23.60 11.36
N ASN G 118 -3.56 -24.02 12.52
CA ASN G 118 -3.37 -23.29 13.76
C ASN G 118 -2.39 -23.97 14.71
N ALA G 119 -1.90 -25.15 14.33
CA ALA G 119 -1.04 -25.92 15.20
C ALA G 119 0.23 -25.14 15.57
N ALA G 120 0.63 -25.28 16.82
CA ALA G 120 1.89 -24.76 17.32
C ALA G 120 3.01 -25.69 16.88
N TRP G 121 4.17 -25.11 16.60
CA TRP G 121 5.31 -25.83 16.08
C TRP G 121 6.42 -25.84 17.12
N LEU G 122 6.88 -27.03 17.47
CA LEU G 122 8.04 -27.20 18.33
C LEU G 122 9.01 -28.13 17.63
N VAL G 123 10.29 -27.88 17.79
CA VAL G 123 11.33 -28.62 17.11
C VAL G 123 12.31 -29.12 18.15
N PHE G 124 12.43 -30.43 18.28
CA PHE G 124 13.39 -31.06 19.16
C PHE G 124 14.60 -31.43 18.31
N ALA G 125 15.66 -30.66 18.46
CA ALA G 125 16.95 -30.98 17.86
C ALA G 125 17.64 -31.97 18.78
N ASN G 126 17.43 -33.25 18.53
CA ASN G 126 17.84 -34.28 19.47
C ASN G 126 19.25 -34.77 19.15
N LYS G 127 19.77 -35.60 20.05
CA LYS G 127 21.12 -36.17 19.93
C LYS G 127 22.18 -35.09 20.01
N GLN G 128 22.03 -34.18 20.98
CA GLN G 128 23.04 -33.17 21.26
C GLN G 128 24.19 -33.72 22.10
N ASP G 129 24.03 -34.89 22.71
CA ASP G 129 25.11 -35.49 23.47
C ASP G 129 26.24 -35.99 22.57
N LEU G 130 25.98 -36.17 21.29
CA LEU G 130 26.98 -36.68 20.38
C LEU G 130 27.97 -35.55 20.01
N PRO G 131 29.26 -35.87 19.84
CA PRO G 131 30.24 -34.79 19.62
C PRO G 131 30.00 -34.01 18.35
N GLU G 132 29.62 -34.69 17.27
CA GLU G 132 29.42 -34.07 15.97
C GLU G 132 28.08 -33.39 15.83
N ALA G 133 27.33 -33.25 16.93
CA ALA G 133 26.01 -32.65 16.85
C ALA G 133 26.12 -31.20 16.38
N MET G 134 25.06 -30.75 15.72
CA MET G 134 24.98 -29.42 15.14
C MET G 134 24.08 -28.55 15.99
N SER G 135 24.45 -27.28 16.12
CA SER G 135 23.78 -26.39 17.05
C SER G 135 22.33 -26.14 16.62
N ALA G 136 21.54 -25.67 17.58
CA ALA G 136 20.15 -25.35 17.30
C ALA G 136 20.01 -24.18 16.33
N ALA G 137 21.00 -23.28 16.29
CA ALA G 137 20.95 -22.17 15.34
C ALA G 137 21.31 -22.62 13.95
N GLU G 138 22.28 -23.53 13.83
CA GLU G 138 22.59 -24.12 12.53
C GLU G 138 21.39 -24.86 11.98
N ILE G 139 20.64 -25.53 12.86
CA ILE G 139 19.42 -26.22 12.42
C ILE G 139 18.34 -25.22 12.09
N THR G 140 18.22 -24.16 12.88
CA THR G 140 17.23 -23.12 12.60
C THR G 140 17.48 -22.49 11.24
N GLU G 141 18.74 -22.42 10.84
CA GLU G 141 19.08 -21.87 9.53
C GLU G 141 18.83 -22.91 8.44
N LYS G 142 19.23 -24.16 8.67
CA LYS G 142 19.09 -25.18 7.64
C LYS G 142 17.64 -25.56 7.39
N LEU G 143 16.80 -25.51 8.42
CA LEU G 143 15.39 -25.87 8.28
C LEU G 143 14.53 -24.72 7.77
N GLY G 144 15.07 -23.51 7.66
CA GLY G 144 14.26 -22.39 7.23
C GLY G 144 13.10 -22.10 8.14
N LEU G 145 13.40 -21.96 9.44
CA LEU G 145 12.37 -21.77 10.45
C LEU G 145 11.95 -20.33 10.58
N HIS G 146 12.85 -19.39 10.30
CA HIS G 146 12.47 -17.98 10.33
C HIS G 146 11.48 -17.63 9.23
N SER G 147 11.40 -18.44 8.18
CA SER G 147 10.43 -18.26 7.11
C SER G 147 9.01 -18.52 7.57
N ILE G 148 8.81 -18.98 8.79
CA ILE G 148 7.48 -19.30 9.30
C ILE G 148 6.81 -18.01 9.76
N ARG G 149 5.59 -17.79 9.30
CA ARG G 149 4.91 -16.53 9.51
C ARG G 149 3.46 -16.69 9.91
N ASN G 150 2.84 -17.84 9.63
CA ASN G 150 1.44 -18.07 9.92
C ASN G 150 1.25 -18.85 11.21
N ARG G 151 2.32 -19.00 11.99
CA ARG G 151 2.40 -20.04 13.00
C ARG G 151 3.36 -19.60 14.09
N PRO G 152 3.07 -19.90 15.36
CA PRO G 152 4.11 -19.82 16.38
C PRO G 152 5.07 -21.00 16.28
N TRP G 153 6.34 -20.77 16.63
CA TRP G 153 7.34 -21.81 16.52
C TRP G 153 8.43 -21.61 17.58
N PHE G 154 9.18 -22.68 17.81
CA PHE G 154 10.18 -22.73 18.86
C PHE G 154 11.07 -23.93 18.62
N ILE G 155 12.34 -23.79 18.97
CA ILE G 155 13.33 -24.85 18.79
C ILE G 155 14.10 -25.03 20.10
N GLN G 156 14.23 -26.28 20.52
CA GLN G 156 14.87 -26.63 21.77
C GLN G 156 15.88 -27.74 21.52
N ALA G 157 17.01 -27.68 22.21
CA ALA G 157 18.05 -28.67 22.11
C ALA G 157 17.90 -29.70 23.22
N THR G 158 17.92 -30.98 22.83
CA THR G 158 17.52 -32.05 23.74
C THR G 158 18.57 -33.15 23.77
N CYS G 159 18.28 -34.15 24.60
CA CYS G 159 19.05 -35.38 24.78
C CYS G 159 18.09 -36.34 25.50
N ALA G 160 17.27 -37.02 24.71
CA ALA G 160 16.23 -37.89 25.27
C ALA G 160 16.82 -38.94 26.20
N THR G 161 18.06 -39.35 25.97
CA THR G 161 18.66 -40.33 26.87
C THR G 161 18.90 -39.76 28.26
N SER G 162 19.10 -38.46 28.37
CA SER G 162 19.31 -37.81 29.65
C SER G 162 18.14 -36.93 30.09
N GLY G 163 17.14 -36.76 29.24
CA GLY G 163 15.98 -35.95 29.58
C GLY G 163 16.16 -34.46 29.43
N GLU G 164 17.34 -34.00 29.04
CA GLU G 164 17.58 -32.57 28.93
C GLU G 164 16.73 -31.97 27.82
N GLY G 165 16.09 -30.84 28.13
CA GLY G 165 15.34 -30.09 27.15
C GLY G 165 13.96 -30.63 26.81
N LEU G 166 13.55 -31.72 27.43
CA LEU G 166 12.26 -32.34 27.15
C LEU G 166 11.11 -31.69 27.92
N TYR G 167 11.30 -31.40 29.18
CA TYR G 167 10.30 -30.72 29.99
C TYR G 167 10.26 -29.22 29.72
N GLU G 168 11.22 -28.69 28.96
CA GLU G 168 11.20 -27.31 28.52
C GLU G 168 10.46 -27.14 27.21
N GLY G 169 10.08 -28.22 26.55
CA GLY G 169 9.25 -28.15 25.37
C GLY G 169 7.77 -28.21 25.70
N LEU G 170 7.40 -29.14 26.57
CA LEU G 170 6.04 -29.17 27.11
C LEU G 170 5.70 -27.89 27.84
N GLU G 171 6.69 -27.23 28.44
CA GLU G 171 6.49 -25.94 29.08
C GLU G 171 6.14 -24.86 28.07
N TRP G 172 6.76 -24.88 26.90
CA TRP G 172 6.43 -23.91 25.85
C TRP G 172 5.08 -24.20 25.22
N LEU G 173 4.76 -25.46 25.00
CA LEU G 173 3.48 -25.86 24.45
C LEU G 173 2.32 -25.40 25.31
N SER G 174 2.53 -25.23 26.61
CA SER G 174 1.53 -24.67 27.49
C SER G 174 1.15 -23.24 27.16
N ASN G 175 2.08 -22.46 26.61
CA ASN G 175 1.76 -21.10 26.19
C ASN G 175 0.60 -21.07 25.21
N SER G 176 0.44 -22.10 24.39
CA SER G 176 -0.58 -22.14 23.34
C SER G 176 -1.78 -22.96 23.78
N LEU G 177 -2.07 -22.98 25.07
CA LEU G 177 -3.21 -23.73 25.56
C LEU G 177 -4.52 -23.07 25.14
N LYS G 178 -5.56 -23.90 25.07
CA LYS G 178 -6.90 -23.47 24.66
C LYS G 178 -6.85 -22.54 23.46
#